data_7Z3K
#
_entry.id   7Z3K
#
_cell.length_a   53.662
_cell.length_b   62.530
_cell.length_c   63.638
_cell.angle_alpha   104.159
_cell.angle_beta   98.572
_cell.angle_gamma   93.153
#
_symmetry.space_group_name_H-M   'P 1'
#
loop_
_entity.id
_entity.type
_entity.pdbx_description
1 polymer 'Isoform 2 of Ectonucleotide pyrophosphatase/phosphodiesterase family member 2'
2 branched beta-D-mannopyranose-(1-4)-2-acetamido-2-deoxy-beta-D-glucopyranose
3 non-polymer 2-acetamido-2-deoxy-beta-D-glucopyranose
4 non-polymer 'ZINC ION'
5 non-polymer 7alpha-hydroxycholesterol
6 non-polymer 'CALCIUM ION'
7 non-polymer 'IODIDE ION'
8 non-polymer 'THIOCYANATE ION'
9 non-polymer 'SODIUM ION'
10 non-polymer GLYCEROL
11 non-polymer [(2~{S},4~{R})-4-[2-[(3,5-dimethylphenyl)amino]-5,7-dihydropyrrolo[3,4-d]pyrimidin-6-yl]-2-methyl-piperidin-1-yl]-(6-fluoranyl-1~{H}-benzotriazol-5-yl)methanone
12 water water
#
_entity_poly.entity_id   1
_entity_poly.type   'polypeptide(L)'
_entity_poly.pdbx_seq_one_letter_code
;GSCKGRCFELQEVGPPDCRCDNLCKSYSSCCHDFDELCLKTARGWECTKDRCGEVRNEENACHCSEDCLSRGDCCTNYQV
VCKGESHWVDDDCEEIKVPECPAGFVRPPLIIFSVDGFRASYMKKGSKVMPNIEKLRSCGTHAPYMRPVYPTKTFPNLYT
LATGLYPESHGIVGNSMYDPVFDASFHLRGREKFNHRWWGGQPLWITATKQGVRAGTFFWSVSIPHERRILTILQWLSLP
DNERPSVYAFYSEQPDFSGHKYGPFGPEMTNPLREIDKTVGQLMDGLKQLRLHRCVNVIFVGDHGMEDVTCDRTEFLSNY
LTNVDDITLVPGTLGRIRAKSINNSKYDPKTIIAALTCKKPDQHFKPYMKQHLPKRLHYANNRRIEDIHLLVDRRWHVAR
KPLDVYKKPSGKCFFQGDHGFDNKVNSMQTVFVGYGPTFKYRTKVPPFENIELYNVMCDLLGLKPAPNNGTHGSLNHLLR
TNTFRPTMPDEVSRPNYPGIMYLQSEFDLGCTCDDKVEPKNKLEELNKRLHTKGSTKERHLLYGRPAVLYRTSYDILYHT
DFESGYSEIFLMPLWTSYTISKQAEVSSIPEHLTNCVRPDVRVSPGFSQNCLAYKNDKQMSYGFLFPPYLSSSPEAKYDA
FLVTNMVPMYPAFKRVWAYFQRVLVKKYASERNGVNVISGPIFDYNYDGLRDTEDEIKQYVEGSSIPVPTHYYSIITSCL
DFTQPADKCDGPLSVSSFILPHRPDNDESCASSEDESKWVEELMKMHTARVRDIEHLTGLDFYRKTSRSYSEILTLKTYL
HTYES
;
_entity_poly.pdbx_strand_id   AAA
#
loop_
_chem_comp.id
_chem_comp.type
_chem_comp.name
_chem_comp.formula
5JK non-polymer 7alpha-hydroxycholesterol 'C27 H46 O2'
BMA D-saccharide, beta linking beta-D-mannopyranose 'C6 H12 O6'
CA non-polymer 'CALCIUM ION' 'Ca 2'
GOL non-polymer GLYCEROL 'C3 H8 O3'
IA0 non-polymer [(2~{S},4~{R})-4-[2-[(3,5-dimethylphenyl)amino]-5,7-dihydropyrrolo[3,4-d]pyrimidin-6-yl]-2-methyl-piperidin-1-yl]-(6-fluoranyl-1~{H}-benzotriazol-5-yl)methanone 'C27 H29 F N8 O'
IOD non-polymer 'IODIDE ION' 'I -1'
NA non-polymer 'SODIUM ION' 'Na 1'
NAG D-saccharide, beta linking 2-acetamido-2-deoxy-beta-D-glucopyranose 'C8 H15 N O6'
SCN non-polymer 'THIOCYANATE ION' 'C N S -1'
ZN non-polymer 'ZINC ION' 'Zn 2'
#
# COMPACT_ATOMS: atom_id res chain seq x y z
N GLY A 1 -39.67 12.70 21.18
CA GLY A 1 -39.51 11.21 21.16
C GLY A 1 -40.11 10.58 19.91
N SER A 2 -40.03 11.28 18.77
CA SER A 2 -40.57 10.86 17.45
C SER A 2 -39.64 11.33 16.33
N CYS A 3 -39.80 10.78 15.12
CA CYS A 3 -38.92 11.03 13.94
C CYS A 3 -39.64 11.93 12.92
N LYS A 4 -40.60 12.75 13.35
CA LYS A 4 -41.36 13.68 12.48
C LYS A 4 -40.42 14.79 12.01
N GLY A 5 -40.26 14.94 10.69
CA GLY A 5 -39.35 15.92 10.04
C GLY A 5 -37.97 15.90 10.68
N ARG A 6 -37.51 14.73 11.10
CA ARG A 6 -36.19 14.48 11.74
C ARG A 6 -35.44 13.34 11.03
N CYS A 7 -36.09 12.64 10.09
CA CYS A 7 -35.56 11.40 9.45
C CYS A 7 -34.19 11.67 8.82
N PHE A 8 -33.17 10.92 9.25
CA PHE A 8 -31.77 10.96 8.77
C PHE A 8 -31.17 12.35 9.01
N GLU A 9 -31.55 13.01 10.11
CA GLU A 9 -30.98 14.31 10.55
C GLU A 9 -29.49 14.14 10.79
N LEU A 10 -28.70 15.20 10.57
CA LEU A 10 -27.24 15.25 10.81
C LEU A 10 -26.97 15.52 12.30
N GLN A 11 -28.00 15.91 13.06
CA GLN A 11 -27.93 16.20 14.51
C GLN A 11 -27.47 14.95 15.28
N GLU A 12 -26.67 15.14 16.34
CA GLU A 12 -26.16 14.07 17.24
C GLU A 12 -26.96 14.09 18.54
N VAL A 13 -27.99 13.24 18.65
CA VAL A 13 -28.84 13.10 19.86
C VAL A 13 -28.18 12.09 20.80
N GLY A 14 -27.65 12.57 21.94
CA GLY A 14 -26.98 11.74 22.95
C GLY A 14 -27.97 10.83 23.69
N PRO A 15 -27.48 9.82 24.44
CA PRO A 15 -28.36 8.90 25.16
C PRO A 15 -29.10 9.59 26.31
N PRO A 16 -30.28 9.07 26.73
CA PRO A 16 -30.91 7.90 26.13
C PRO A 16 -31.91 8.22 25.01
N ASP A 17 -31.98 9.49 24.59
CA ASP A 17 -33.00 10.03 23.64
C ASP A 17 -32.98 9.18 22.37
N CYS A 18 -34.16 8.81 21.86
CA CYS A 18 -34.32 8.01 20.63
C CYS A 18 -33.84 8.83 19.43
N ARG A 19 -33.15 8.18 18.48
CA ARG A 19 -32.46 8.83 17.34
C ARG A 19 -33.23 8.55 16.05
N CYS A 20 -32.95 9.32 15.00
CA CYS A 20 -33.55 9.19 13.64
C CYS A 20 -32.47 9.27 12.56
N ASP A 21 -31.20 9.00 12.92
CA ASP A 21 -30.01 9.21 12.05
C ASP A 21 -29.61 7.89 11.37
N ASN A 22 -28.59 7.95 10.50
CA ASN A 22 -28.05 6.84 9.68
C ASN A 22 -27.74 5.60 10.52
N LEU A 23 -27.30 5.78 11.77
CA LEU A 23 -26.67 4.72 12.60
C LEU A 23 -27.62 4.23 13.70
N CYS A 24 -28.78 4.86 13.92
CA CYS A 24 -29.67 4.55 15.07
C CYS A 24 -30.07 3.07 15.04
N LYS A 25 -30.28 2.50 13.84
CA LYS A 25 -30.62 1.06 13.64
C LYS A 25 -29.48 0.17 14.15
N SER A 26 -28.23 0.51 13.83
CA SER A 26 -27.01 -0.26 14.18
C SER A 26 -26.78 -0.26 15.69
N TYR A 27 -26.98 0.89 16.35
CA TYR A 27 -26.97 1.05 17.82
C TYR A 27 -28.21 0.42 18.45
N SER A 28 -29.27 0.21 17.65
CA SER A 28 -30.65 -0.11 18.13
C SER A 28 -31.07 0.94 19.16
N SER A 29 -31.23 2.20 18.70
CA SER A 29 -31.62 3.37 19.54
C SER A 29 -32.52 4.33 18.74
N CYS A 30 -33.21 3.84 17.71
CA CYS A 30 -34.15 4.64 16.88
C CYS A 30 -35.43 4.89 17.68
N CYS A 31 -36.21 5.92 17.30
CA CYS A 31 -37.58 6.17 17.83
C CYS A 31 -38.52 5.12 17.25
N HIS A 32 -39.58 4.78 18.00
CA HIS A 32 -40.57 3.71 17.69
C HIS A 32 -41.11 3.85 16.26
N ASP A 33 -41.26 5.08 15.76
CA ASP A 33 -41.91 5.37 14.45
C ASP A 33 -40.84 5.61 13.36
N PHE A 34 -39.56 5.35 13.65
CA PHE A 34 -38.47 5.45 12.64
C PHE A 34 -38.79 4.54 11.45
N ASP A 35 -39.16 3.28 11.73
CA ASP A 35 -39.37 2.23 10.70
C ASP A 35 -40.54 2.60 9.79
N GLU A 36 -41.57 3.26 10.32
CA GLU A 36 -42.79 3.66 9.57
C GLU A 36 -42.52 4.99 8.84
N LEU A 37 -41.83 5.94 9.47
CA LEU A 37 -41.65 7.32 8.94
C LEU A 37 -40.43 7.41 8.02
N CYS A 38 -39.30 6.79 8.39
CA CYS A 38 -37.98 6.94 7.71
C CYS A 38 -37.69 5.77 6.76
N LEU A 39 -38.28 4.59 6.98
CA LEU A 39 -38.12 3.40 6.11
C LEU A 39 -39.38 3.19 5.26
N LYS A 40 -39.95 4.27 4.73
CA LYS A 40 -41.09 4.25 3.78
C LYS A 40 -40.64 3.55 2.49
N THR A 41 -41.46 2.66 1.94
CA THR A 41 -41.18 1.90 0.69
C THR A 41 -42.35 2.04 -0.30
N ALA A 42 -43.45 2.69 0.10
CA ALA A 42 -44.71 2.78 -0.69
C ALA A 42 -44.42 3.36 -2.07
N ARG A 43 -44.75 2.58 -3.12
CA ARG A 43 -44.72 2.97 -4.55
C ARG A 43 -43.29 2.93 -5.10
N GLY A 44 -42.34 2.38 -4.35
CA GLY A 44 -40.94 2.22 -4.79
C GLY A 44 -40.22 3.55 -4.89
N TRP A 45 -39.17 3.61 -5.72
CA TRP A 45 -38.17 4.69 -5.74
C TRP A 45 -38.12 5.39 -7.10
N GLU A 46 -39.08 5.13 -7.97
CA GLU A 46 -39.11 5.66 -9.36
C GLU A 46 -40.49 6.28 -9.64
N CYS A 47 -40.49 7.51 -10.15
CA CYS A 47 -41.69 8.19 -10.70
C CYS A 47 -42.13 7.45 -11.97
N THR A 48 -43.45 7.36 -12.18
CA THR A 48 -44.10 6.92 -13.43
C THR A 48 -44.99 8.07 -13.92
N LYS A 49 -45.34 8.08 -15.22
CA LYS A 49 -46.08 9.18 -15.89
C LYS A 49 -47.39 9.49 -15.14
N ASP A 50 -48.02 8.45 -14.57
CA ASP A 50 -49.31 8.56 -13.83
C ASP A 50 -49.13 9.40 -12.57
N ARG A 51 -47.94 9.37 -11.95
CA ARG A 51 -47.65 10.04 -10.66
C ARG A 51 -47.35 11.53 -10.85
N CYS A 52 -47.07 11.97 -12.07
CA CYS A 52 -46.59 13.36 -12.36
C CYS A 52 -47.67 14.38 -11.99
N GLY A 53 -47.32 15.33 -11.12
CA GLY A 53 -48.24 16.35 -10.58
C GLY A 53 -49.26 15.75 -9.64
N GLU A 54 -48.94 14.62 -9.01
CA GLU A 54 -49.78 13.95 -7.98
C GLU A 54 -49.97 14.88 -6.78
N VAL A 55 -51.04 14.68 -6.02
CA VAL A 55 -51.19 15.24 -4.64
C VAL A 55 -50.13 14.57 -3.77
N ARG A 56 -49.41 15.35 -2.97
CA ARG A 56 -48.38 14.84 -2.02
C ARG A 56 -49.03 13.82 -1.07
N ASN A 57 -48.59 12.56 -1.14
CA ASN A 57 -48.91 11.49 -0.16
C ASN A 57 -47.65 11.19 0.64
N GLU A 58 -47.62 11.55 1.92
CA GLU A 58 -46.39 11.52 2.76
C GLU A 58 -45.94 10.07 3.01
N GLU A 59 -46.83 9.09 2.84
CA GLU A 59 -46.51 7.64 2.98
C GLU A 59 -45.63 7.15 1.81
N ASN A 60 -45.59 7.89 0.69
CA ASN A 60 -44.76 7.55 -0.49
C ASN A 60 -43.27 7.67 -0.14
N ALA A 61 -42.45 6.73 -0.63
CA ALA A 61 -40.99 6.66 -0.39
C ALA A 61 -40.32 7.94 -0.91
N CYS A 62 -40.62 8.32 -2.15
CA CYS A 62 -40.26 9.61 -2.79
C CYS A 62 -41.50 10.14 -3.53
N HIS A 63 -41.45 11.39 -4.00
CA HIS A 63 -42.64 12.14 -4.48
C HIS A 63 -42.43 12.59 -5.94
N CYS A 64 -43.53 12.68 -6.70
CA CYS A 64 -43.58 13.15 -8.11
C CYS A 64 -44.51 14.36 -8.21
N SER A 65 -44.81 14.99 -7.07
CA SER A 65 -45.67 16.19 -6.93
C SER A 65 -44.90 17.44 -7.38
N GLU A 66 -45.62 18.50 -7.76
CA GLU A 66 -45.05 19.79 -8.23
C GLU A 66 -44.21 20.45 -7.14
N ASP A 67 -44.49 20.16 -5.86
CA ASP A 67 -43.82 20.77 -4.68
C ASP A 67 -42.54 20.02 -4.32
N CYS A 68 -42.26 18.87 -4.95
CA CYS A 68 -41.18 17.93 -4.54
C CYS A 68 -39.81 18.58 -4.70
N LEU A 69 -39.63 19.48 -5.66
CA LEU A 69 -38.33 20.17 -5.91
C LEU A 69 -38.03 21.15 -4.77
N SER A 70 -39.02 21.94 -4.34
CA SER A 70 -38.89 22.88 -3.19
C SER A 70 -38.67 22.08 -1.89
N ARG A 71 -39.43 20.99 -1.71
CA ARG A 71 -39.28 20.05 -0.56
C ARG A 71 -37.95 19.29 -0.69
N GLY A 72 -37.45 19.11 -1.92
CA GLY A 72 -36.19 18.40 -2.20
C GLY A 72 -36.28 16.91 -1.87
N ASP A 73 -37.43 16.28 -2.16
CA ASP A 73 -37.65 14.83 -1.92
C ASP A 73 -38.31 14.18 -3.15
N CYS A 74 -38.11 14.74 -4.35
CA CYS A 74 -38.49 14.12 -5.64
C CYS A 74 -37.75 12.77 -5.78
N CYS A 75 -38.38 11.79 -6.43
CA CYS A 75 -37.71 10.57 -6.93
C CYS A 75 -36.62 11.01 -7.92
N THR A 76 -35.51 10.27 -7.99
CA THR A 76 -34.29 10.72 -8.72
C THR A 76 -34.60 10.89 -10.21
N ASN A 77 -35.67 10.26 -10.72
CA ASN A 77 -36.03 10.22 -12.17
C ASN A 77 -37.25 11.12 -12.45
N TYR A 78 -37.61 12.02 -11.52
CA TYR A 78 -38.79 12.90 -11.62
C TYR A 78 -38.69 13.77 -12.88
N GLN A 79 -37.61 14.56 -13.02
CA GLN A 79 -37.37 15.48 -14.18
C GLN A 79 -37.42 14.69 -15.49
N VAL A 80 -36.93 13.45 -15.50
CA VAL A 80 -36.84 12.58 -16.71
C VAL A 80 -38.25 12.13 -17.12
N VAL A 81 -39.03 11.59 -16.19
CA VAL A 81 -40.38 10.99 -16.45
C VAL A 81 -41.41 12.11 -16.62
N CYS A 82 -41.31 13.21 -15.88
CA CYS A 82 -42.38 14.24 -15.77
C CYS A 82 -42.04 15.52 -16.58
N LYS A 83 -40.76 15.92 -16.66
CA LYS A 83 -40.36 17.18 -17.35
C LYS A 83 -39.59 16.88 -18.65
N GLY A 84 -39.68 15.64 -19.15
CA GLY A 84 -39.16 15.23 -20.47
C GLY A 84 -37.67 15.49 -20.62
N GLU A 85 -36.90 15.35 -19.54
CA GLU A 85 -35.42 15.50 -19.54
C GLU A 85 -34.78 14.12 -19.69
N SER A 86 -33.53 14.09 -20.16
CA SER A 86 -32.76 12.85 -20.44
C SER A 86 -32.05 12.36 -19.18
N HIS A 87 -31.89 11.05 -19.04
CA HIS A 87 -30.99 10.41 -18.04
C HIS A 87 -29.58 10.97 -18.24
N TRP A 88 -28.84 11.19 -17.16
CA TRP A 88 -27.43 11.67 -17.19
C TRP A 88 -26.62 10.79 -18.17
N VAL A 89 -26.75 9.48 -18.05
CA VAL A 89 -25.93 8.47 -18.80
C VAL A 89 -26.15 8.62 -20.31
N ASP A 90 -27.34 9.09 -20.73
CA ASP A 90 -27.71 9.24 -22.16
C ASP A 90 -27.10 10.51 -22.75
N ASP A 91 -26.56 11.41 -21.91
CA ASP A 91 -25.88 12.66 -22.33
C ASP A 91 -24.42 12.34 -22.69
N ASP A 92 -23.85 13.07 -23.65
CA ASP A 92 -22.42 12.94 -24.07
C ASP A 92 -21.53 13.51 -22.97
N CYS A 93 -20.31 12.97 -22.81
CA CYS A 93 -19.24 13.59 -21.97
C CYS A 93 -19.15 15.06 -22.37
N GLU A 94 -19.28 15.97 -21.41
CA GLU A 94 -18.99 17.41 -21.58
C GLU A 94 -17.94 17.78 -20.53
N GLU A 95 -16.75 18.20 -20.97
CA GLU A 95 -15.62 18.59 -20.09
C GLU A 95 -16.10 19.59 -19.05
N ILE A 96 -15.74 19.37 -17.77
CA ILE A 96 -16.05 20.28 -16.63
C ILE A 96 -14.78 21.08 -16.33
N LYS A 97 -14.62 22.23 -17.01
CA LYS A 97 -13.40 23.10 -16.92
C LYS A 97 -13.40 23.85 -15.59
N VAL A 98 -14.59 24.26 -15.10
CA VAL A 98 -14.76 24.90 -13.77
C VAL A 98 -15.98 24.30 -13.09
N PRO A 99 -15.99 24.18 -11.75
CA PRO A 99 -17.19 23.75 -11.02
C PRO A 99 -18.35 24.74 -11.23
N GLU A 100 -19.51 24.21 -11.65
CA GLU A 100 -20.76 24.98 -11.86
C GLU A 100 -21.69 24.73 -10.67
N CYS A 101 -21.43 25.42 -9.55
CA CYS A 101 -22.17 25.23 -8.27
C CYS A 101 -23.07 26.44 -8.03
N PRO A 102 -24.20 26.27 -7.31
CA PRO A 102 -24.98 27.41 -6.84
C PRO A 102 -24.12 28.36 -6.00
N ALA A 103 -24.39 29.67 -6.08
CA ALA A 103 -23.81 30.69 -5.16
C ALA A 103 -24.11 30.26 -3.73
N GLY A 104 -23.15 30.41 -2.83
CA GLY A 104 -23.27 29.94 -1.42
C GLY A 104 -22.48 28.66 -1.19
N PHE A 105 -22.24 27.87 -2.24
CA PHE A 105 -21.25 26.76 -2.26
C PHE A 105 -19.85 27.39 -2.25
N VAL A 106 -19.07 27.15 -1.20
CA VAL A 106 -17.73 27.77 -0.96
C VAL A 106 -16.66 26.82 -1.49
N ARG A 107 -17.01 25.55 -1.73
CA ARG A 107 -16.13 24.53 -2.38
C ARG A 107 -17.02 23.51 -3.08
N PRO A 108 -16.52 22.83 -4.14
CA PRO A 108 -17.26 21.73 -4.75
C PRO A 108 -17.37 20.58 -3.76
N PRO A 109 -18.58 20.02 -3.52
CA PRO A 109 -18.72 18.85 -2.66
C PRO A 109 -18.01 17.61 -3.22
N LEU A 110 -17.67 16.68 -2.33
CA LEU A 110 -17.10 15.34 -2.65
C LEU A 110 -18.09 14.25 -2.21
N ILE A 111 -18.47 13.35 -3.11
CA ILE A 111 -19.24 12.11 -2.79
C ILE A 111 -18.34 10.91 -3.05
N ILE A 112 -18.00 10.17 -1.98
CA ILE A 112 -17.29 8.86 -2.06
C ILE A 112 -18.35 7.76 -2.21
N PHE A 113 -18.47 7.19 -3.40
CA PHE A 113 -19.33 6.01 -3.69
C PHE A 113 -18.47 4.75 -3.51
N SER A 114 -18.52 4.14 -2.32
CA SER A 114 -17.68 2.98 -1.94
C SER A 114 -18.47 1.68 -2.15
N VAL A 115 -17.87 0.71 -2.84
CA VAL A 115 -18.49 -0.60 -3.19
C VAL A 115 -17.62 -1.71 -2.60
N ASP A 116 -18.20 -2.53 -1.73
CA ASP A 116 -17.48 -3.62 -1.01
C ASP A 116 -17.25 -4.78 -1.98
N GLY A 117 -16.01 -5.29 -2.04
CA GLY A 117 -15.64 -6.51 -2.78
C GLY A 117 -15.68 -6.33 -4.29
N PHE A 118 -15.56 -5.09 -4.78
CA PHE A 118 -15.57 -4.74 -6.23
C PHE A 118 -14.19 -5.02 -6.81
N ARG A 119 -14.04 -6.16 -7.49
CA ARG A 119 -12.82 -6.58 -8.23
C ARG A 119 -12.62 -5.65 -9.44
N ALA A 120 -11.38 -5.22 -9.68
CA ALA A 120 -10.99 -4.31 -10.78
C ALA A 120 -11.51 -4.83 -12.13
N SER A 121 -11.37 -6.13 -12.37
CA SER A 121 -11.68 -6.79 -13.67
C SER A 121 -13.19 -6.83 -13.92
N TYR A 122 -14.02 -6.53 -12.93
CA TYR A 122 -15.49 -6.37 -13.12
C TYR A 122 -15.78 -5.25 -14.13
N MET A 123 -14.89 -4.25 -14.21
CA MET A 123 -15.02 -3.09 -15.12
C MET A 123 -15.04 -3.55 -16.59
N LYS A 124 -14.47 -4.72 -16.90
CA LYS A 124 -14.37 -5.26 -18.29
C LYS A 124 -15.75 -5.65 -18.82
N LYS A 125 -16.75 -5.86 -17.95
CA LYS A 125 -18.12 -6.29 -18.32
C LYS A 125 -18.79 -5.20 -19.17
N GLY A 126 -18.36 -3.93 -19.02
CA GLY A 126 -18.63 -2.84 -19.98
C GLY A 126 -19.97 -2.18 -19.74
N SER A 127 -20.37 -1.28 -20.66
CA SER A 127 -21.56 -0.40 -20.56
C SER A 127 -22.84 -1.20 -20.74
N LYS A 128 -22.74 -2.41 -21.29
CA LYS A 128 -23.84 -3.41 -21.39
C LYS A 128 -24.42 -3.63 -19.98
N VAL A 129 -23.56 -3.93 -19.02
CA VAL A 129 -23.92 -4.28 -17.62
C VAL A 129 -23.99 -3.01 -16.78
N MET A 130 -23.04 -2.08 -16.97
CA MET A 130 -22.85 -0.88 -16.10
C MET A 130 -22.67 0.36 -16.95
N PRO A 131 -23.72 0.85 -17.64
CA PRO A 131 -23.59 2.05 -18.49
C PRO A 131 -23.19 3.31 -17.71
N ASN A 132 -23.77 3.53 -16.53
CA ASN A 132 -23.51 4.73 -15.68
C ASN A 132 -22.06 4.71 -15.20
N ILE A 133 -21.59 3.60 -14.64
CA ILE A 133 -20.19 3.45 -14.10
C ILE A 133 -19.20 3.60 -15.26
N GLU A 134 -19.54 3.10 -16.45
CA GLU A 134 -18.65 3.16 -17.64
C GLU A 134 -18.56 4.61 -18.14
N LYS A 135 -19.62 5.41 -18.02
CA LYS A 135 -19.58 6.84 -18.41
C LYS A 135 -18.67 7.61 -17.45
N LEU A 136 -18.78 7.37 -16.14
CA LEU A 136 -17.90 7.98 -15.11
C LEU A 136 -16.44 7.64 -15.44
N ARG A 137 -16.17 6.35 -15.68
CA ARG A 137 -14.83 5.81 -16.00
C ARG A 137 -14.27 6.52 -17.25
N SER A 138 -15.06 6.64 -18.32
CA SER A 138 -14.60 7.12 -19.65
C SER A 138 -14.56 8.66 -19.70
N CYS A 139 -15.51 9.37 -19.10
CA CYS A 139 -15.57 10.87 -19.11
C CYS A 139 -14.56 11.44 -18.09
N GLY A 140 -14.31 10.73 -16.99
CA GLY A 140 -13.50 11.21 -15.85
C GLY A 140 -12.07 10.71 -15.90
N THR A 141 -11.45 10.61 -14.72
CA THR A 141 -10.09 10.07 -14.47
C THR A 141 -10.23 8.71 -13.80
N HIS A 142 -9.54 7.68 -14.31
CA HIS A 142 -9.61 6.29 -13.81
C HIS A 142 -8.23 5.64 -13.85
N ALA A 143 -7.97 4.72 -12.92
CA ALA A 143 -6.81 3.81 -12.93
C ALA A 143 -7.28 2.44 -13.39
N PRO A 144 -6.45 1.65 -14.10
CA PRO A 144 -6.78 0.26 -14.42
C PRO A 144 -7.21 -0.53 -13.17
N TYR A 145 -6.56 -0.24 -12.05
CA TYR A 145 -6.92 -0.80 -10.72
C TYR A 145 -6.29 0.06 -9.62
N MET A 146 -6.76 -0.15 -8.40
CA MET A 146 -6.20 0.45 -7.16
C MET A 146 -5.82 -0.69 -6.22
N ARG A 147 -4.61 -0.63 -5.66
CA ARG A 147 -4.09 -1.66 -4.73
C ARG A 147 -4.69 -1.41 -3.35
N PRO A 148 -5.33 -2.42 -2.74
CA PRO A 148 -5.77 -2.31 -1.35
C PRO A 148 -4.55 -2.45 -0.41
N VAL A 149 -4.78 -2.35 0.91
CA VAL A 149 -3.77 -2.68 1.95
C VAL A 149 -3.98 -4.12 2.39
N TYR A 150 -2.98 -4.70 3.05
CA TYR A 150 -3.05 -6.03 3.71
C TYR A 150 -3.47 -5.83 5.16
N PRO A 151 -4.40 -6.64 5.72
CA PRO A 151 -5.08 -7.70 4.96
C PRO A 151 -6.18 -7.10 4.07
N THR A 152 -6.47 -7.75 2.95
CA THR A 152 -7.45 -7.29 1.93
C THR A 152 -8.85 -7.62 2.47
N LYS A 153 -9.16 -7.07 3.65
CA LYS A 153 -10.43 -7.21 4.40
C LYS A 153 -11.14 -5.86 4.47
N THR A 154 -12.42 -5.89 4.84
CA THR A 154 -13.40 -4.78 4.69
C THR A 154 -13.02 -3.57 5.56
N PHE A 155 -12.98 -3.72 6.88
CA PHE A 155 -12.77 -2.57 7.82
C PHE A 155 -11.34 -2.02 7.65
N PRO A 156 -10.29 -2.87 7.62
CA PRO A 156 -8.93 -2.37 7.42
C PRO A 156 -8.80 -1.47 6.18
N ASN A 157 -9.49 -1.80 5.08
CA ASN A 157 -9.36 -1.07 3.79
C ASN A 157 -10.28 0.17 3.78
N LEU A 158 -11.52 0.05 4.28
CA LEU A 158 -12.43 1.22 4.39
C LEU A 158 -11.76 2.30 5.23
N TYR A 159 -11.13 1.92 6.35
CA TYR A 159 -10.53 2.88 7.31
C TYR A 159 -9.23 3.44 6.74
N THR A 160 -8.48 2.63 5.99
CA THR A 160 -7.28 3.10 5.23
C THR A 160 -7.75 4.21 4.28
N LEU A 161 -8.82 3.96 3.52
CA LEU A 161 -9.44 4.94 2.58
C LEU A 161 -9.65 6.27 3.29
N ALA A 162 -10.18 6.22 4.53
CA ALA A 162 -10.64 7.39 5.32
C ALA A 162 -9.48 8.10 6.02
N THR A 163 -8.36 7.42 6.28
CA THR A 163 -7.23 7.91 7.13
C THR A 163 -5.93 8.09 6.33
N GLY A 164 -5.74 7.34 5.23
CA GLY A 164 -4.49 7.29 4.47
C GLY A 164 -3.38 6.61 5.25
N LEU A 165 -3.74 5.79 6.24
CA LEU A 165 -2.77 5.06 7.10
C LEU A 165 -2.79 3.57 6.76
N TYR A 166 -1.65 2.90 6.94
CA TYR A 166 -1.56 1.41 7.02
C TYR A 166 -2.37 0.97 8.24
N PRO A 167 -3.08 -0.18 8.17
CA PRO A 167 -3.76 -0.75 9.35
C PRO A 167 -2.92 -0.79 10.63
N GLU A 168 -1.61 -1.09 10.53
CA GLU A 168 -0.70 -1.16 11.71
C GLU A 168 -0.70 0.20 12.43
N SER A 169 -0.93 1.29 11.71
CA SER A 169 -0.94 2.67 12.26
C SER A 169 -2.35 3.06 12.73
N HIS A 170 -3.41 2.83 11.94
CA HIS A 170 -4.79 3.28 12.27
C HIS A 170 -5.44 2.32 13.29
N GLY A 171 -4.94 1.09 13.44
CA GLY A 171 -5.32 0.18 14.54
C GLY A 171 -6.33 -0.89 14.12
N ILE A 172 -6.99 -0.73 12.98
CA ILE A 172 -7.96 -1.73 12.47
C ILE A 172 -7.19 -2.73 11.60
N VAL A 173 -6.51 -3.68 12.24
CA VAL A 173 -5.56 -4.64 11.60
C VAL A 173 -6.32 -5.84 11.04
N GLY A 174 -7.62 -5.97 11.35
CA GLY A 174 -8.51 -7.03 10.82
C GLY A 174 -9.97 -6.72 11.09
N ASN A 175 -10.89 -7.50 10.50
CA ASN A 175 -12.33 -7.48 10.84
C ASN A 175 -12.49 -8.06 12.24
N SER A 176 -11.57 -8.97 12.61
CA SER A 176 -11.43 -9.58 13.95
C SER A 176 -10.06 -9.20 14.54
N MET A 177 -10.02 -8.76 15.81
CA MET A 177 -8.77 -8.35 16.51
C MET A 177 -8.90 -8.69 18.00
N TYR A 178 -7.78 -9.03 18.64
CA TYR A 178 -7.60 -9.04 20.11
C TYR A 178 -6.55 -7.99 20.49
N ASP A 179 -6.88 -7.14 21.46
CA ASP A 179 -5.95 -6.11 22.03
C ASP A 179 -5.58 -6.52 23.44
N PRO A 180 -4.29 -6.88 23.70
CA PRO A 180 -3.88 -7.34 25.03
C PRO A 180 -3.93 -6.22 26.09
N VAL A 181 -3.69 -4.97 25.70
CA VAL A 181 -3.76 -3.77 26.60
C VAL A 181 -5.20 -3.64 27.13
N PHE A 182 -6.19 -3.72 26.23
CA PHE A 182 -7.64 -3.68 26.55
C PHE A 182 -8.08 -4.99 27.20
N ASP A 183 -7.40 -6.09 26.88
CA ASP A 183 -7.82 -7.50 27.15
C ASP A 183 -9.25 -7.69 26.65
N ALA A 184 -9.51 -7.29 25.40
CA ALA A 184 -10.84 -7.39 24.74
C ALA A 184 -10.64 -7.75 23.26
N SER A 185 -11.70 -8.31 22.66
CA SER A 185 -11.76 -8.69 21.23
C SER A 185 -12.63 -7.67 20.49
N PHE A 186 -12.19 -7.25 19.29
CA PHE A 186 -12.99 -6.45 18.34
C PHE A 186 -13.84 -7.42 17.51
N HIS A 187 -15.17 -7.32 17.61
CA HIS A 187 -16.16 -8.15 16.88
C HIS A 187 -17.32 -7.25 16.40
N LEU A 188 -18.09 -7.74 15.44
CA LEU A 188 -19.06 -6.92 14.64
C LEU A 188 -20.45 -6.96 15.30
N ARG A 189 -20.69 -7.86 16.26
CA ARG A 189 -21.98 -8.02 16.97
C ARG A 189 -22.05 -6.99 18.11
N GLY A 190 -23.11 -6.16 18.12
CA GLY A 190 -23.43 -5.25 19.24
C GLY A 190 -22.57 -4.01 19.26
N ARG A 191 -22.27 -3.50 20.46
CA ARG A 191 -21.79 -2.11 20.69
C ARG A 191 -20.25 -2.02 20.62
N GLU A 192 -19.52 -3.14 20.68
CA GLU A 192 -18.04 -3.15 20.86
C GLU A 192 -17.37 -2.31 19.78
N LYS A 193 -17.79 -2.46 18.51
CA LYS A 193 -17.13 -1.84 17.33
C LYS A 193 -17.37 -0.32 17.31
N PHE A 194 -18.29 0.17 18.15
CA PHE A 194 -18.64 1.62 18.27
C PHE A 194 -17.76 2.31 19.31
N ASN A 195 -17.02 1.54 20.13
CA ASN A 195 -16.08 2.08 21.15
C ASN A 195 -14.90 2.74 20.42
N HIS A 196 -14.66 4.03 20.67
CA HIS A 196 -13.66 4.87 19.96
C HIS A 196 -12.23 4.36 20.19
N ARG A 197 -12.02 3.56 21.25
CA ARG A 197 -10.68 3.07 21.69
C ARG A 197 -9.98 2.27 20.57
N TRP A 198 -10.74 1.66 19.65
CA TRP A 198 -10.21 0.80 18.55
C TRP A 198 -9.62 1.65 17.42
N TRP A 199 -10.16 2.85 17.21
CA TRP A 199 -9.99 3.63 15.94
C TRP A 199 -8.92 4.70 16.14
N GLY A 200 -7.77 4.53 15.48
CA GLY A 200 -6.64 5.48 15.49
C GLY A 200 -6.64 6.38 14.27
N GLY A 201 -5.56 7.11 14.05
CA GLY A 201 -5.43 8.08 12.95
C GLY A 201 -6.48 9.18 13.06
N GLN A 202 -6.76 9.83 11.93
CA GLN A 202 -7.79 10.90 11.83
C GLN A 202 -8.54 10.71 10.51
N PRO A 203 -9.78 10.19 10.55
CA PRO A 203 -10.55 9.94 9.33
C PRO A 203 -10.97 11.26 8.68
N LEU A 204 -11.34 11.20 7.40
CA LEU A 204 -11.64 12.39 6.54
C LEU A 204 -12.77 13.23 7.16
N TRP A 205 -13.80 12.60 7.73
CA TRP A 205 -14.96 13.32 8.33
C TRP A 205 -14.51 14.15 9.54
N ILE A 206 -13.49 13.71 10.27
CA ILE A 206 -12.96 14.45 11.47
C ILE A 206 -11.99 15.53 10.99
N THR A 207 -11.14 15.22 10.00
CA THR A 207 -10.24 16.21 9.34
C THR A 207 -11.08 17.40 8.86
N ALA A 208 -12.15 17.12 8.12
CA ALA A 208 -13.12 18.12 7.60
C ALA A 208 -13.68 18.96 8.75
N THR A 209 -14.30 18.29 9.73
CA THR A 209 -14.97 18.91 10.90
C THR A 209 -14.00 19.84 11.64
N LYS A 210 -12.77 19.38 11.90
CA LYS A 210 -11.74 20.12 12.68
C LYS A 210 -11.28 21.38 11.93
N GLN A 211 -11.49 21.45 10.60
CA GLN A 211 -11.09 22.61 9.75
C GLN A 211 -12.35 23.36 9.28
N GLY A 212 -13.48 23.17 9.95
CA GLY A 212 -14.73 23.94 9.74
C GLY A 212 -15.47 23.52 8.47
N VAL A 213 -15.33 22.26 8.05
CA VAL A 213 -16.03 21.71 6.86
C VAL A 213 -16.98 20.60 7.34
N ARG A 214 -18.28 20.75 7.08
CA ARG A 214 -19.32 19.81 7.55
C ARG A 214 -19.24 18.52 6.73
N ALA A 215 -19.27 17.36 7.40
CA ALA A 215 -19.32 16.01 6.80
C ALA A 215 -20.68 15.38 7.09
N GLY A 216 -21.31 14.80 6.07
CA GLY A 216 -22.42 13.84 6.22
C GLY A 216 -21.89 12.53 6.78
N THR A 217 -22.73 11.77 7.48
CA THR A 217 -22.39 10.47 8.11
C THR A 217 -21.99 9.49 6.99
N PHE A 218 -20.75 8.99 7.04
CA PHE A 218 -20.17 8.03 6.06
C PHE A 218 -20.85 6.67 6.19
N PHE A 219 -21.18 6.25 7.42
CA PHE A 219 -21.75 4.92 7.73
C PHE A 219 -23.26 4.91 7.50
N TRP A 220 -23.77 3.76 7.07
CA TRP A 220 -25.20 3.48 6.80
C TRP A 220 -25.55 2.13 7.42
N SER A 221 -26.48 2.10 8.37
CA SER A 221 -27.16 0.87 8.84
C SER A 221 -27.66 0.10 7.61
N VAL A 222 -27.41 -1.20 7.55
CA VAL A 222 -27.79 -2.08 6.40
C VAL A 222 -29.30 -1.98 6.15
N SER A 223 -30.09 -1.79 7.23
CA SER A 223 -31.56 -1.66 7.19
C SER A 223 -32.00 -0.61 6.16
N ILE A 224 -31.20 0.45 5.98
CA ILE A 224 -31.55 1.59 5.08
C ILE A 224 -31.35 1.15 3.63
N PRO A 225 -32.42 1.10 2.81
CA PRO A 225 -32.29 0.74 1.40
C PRO A 225 -31.31 1.68 0.67
N HIS A 226 -30.52 1.14 -0.25
CA HIS A 226 -29.55 1.90 -1.10
C HIS A 226 -30.24 3.13 -1.69
N GLU A 227 -31.46 2.96 -2.21
CA GLU A 227 -32.28 4.04 -2.82
C GLU A 227 -32.46 5.19 -1.83
N ARG A 228 -32.66 4.87 -0.54
CA ARG A 228 -32.86 5.88 0.55
C ARG A 228 -31.53 6.58 0.85
N ARG A 229 -30.41 5.87 0.77
CA ARG A 229 -29.07 6.43 1.04
C ARG A 229 -28.80 7.54 0.01
N ILE A 230 -29.08 7.27 -1.26
CA ILE A 230 -28.90 8.22 -2.41
C ILE A 230 -29.80 9.45 -2.17
N LEU A 231 -31.08 9.24 -1.88
CA LEU A 231 -32.08 10.33 -1.67
C LEU A 231 -31.67 11.18 -0.46
N THR A 232 -31.15 10.55 0.59
CA THR A 232 -30.74 11.22 1.86
C THR A 232 -29.53 12.12 1.58
N ILE A 233 -28.54 11.63 0.83
CA ILE A 233 -27.36 12.44 0.39
C ILE A 233 -27.86 13.64 -0.41
N LEU A 234 -28.75 13.42 -1.39
CA LEU A 234 -29.32 14.46 -2.28
C LEU A 234 -30.13 15.47 -1.46
N GLN A 235 -30.89 14.98 -0.47
CA GLN A 235 -31.65 15.82 0.49
C GLN A 235 -30.66 16.74 1.22
N TRP A 236 -29.57 16.19 1.76
CA TRP A 236 -28.54 16.94 2.52
C TRP A 236 -27.92 18.04 1.65
N LEU A 237 -27.75 17.78 0.34
CA LEU A 237 -27.16 18.75 -0.62
C LEU A 237 -28.11 19.94 -0.84
N SER A 238 -29.40 19.78 -0.54
CA SER A 238 -30.46 20.80 -0.75
C SER A 238 -30.61 21.67 0.51
N LEU A 239 -29.97 21.30 1.62
CA LEU A 239 -29.95 22.07 2.89
C LEU A 239 -29.42 23.49 2.62
N PRO A 240 -29.67 24.46 3.53
CA PRO A 240 -29.07 25.78 3.42
C PRO A 240 -27.55 25.74 3.66
N ASP A 241 -26.85 26.80 3.24
CA ASP A 241 -25.37 26.92 3.22
C ASP A 241 -24.79 26.57 4.60
N ASN A 242 -25.42 27.04 5.68
CA ASN A 242 -24.93 26.92 7.08
C ASN A 242 -25.03 25.47 7.58
N GLU A 243 -25.84 24.63 6.95
CA GLU A 243 -26.12 23.23 7.39
C GLU A 243 -25.55 22.20 6.40
N ARG A 244 -25.41 22.55 5.12
CA ARG A 244 -25.10 21.60 4.01
C ARG A 244 -23.67 21.06 4.14
N PRO A 245 -23.49 19.73 4.29
CA PRO A 245 -22.16 19.12 4.25
C PRO A 245 -21.46 19.31 2.90
N SER A 246 -20.12 19.27 2.92
CA SER A 246 -19.23 19.35 1.72
C SER A 246 -18.75 17.95 1.31
N VAL A 247 -18.68 17.02 2.27
CA VAL A 247 -18.19 15.63 2.01
C VAL A 247 -19.26 14.62 2.43
N TYR A 248 -19.50 13.63 1.56
CA TYR A 248 -20.50 12.54 1.75
C TYR A 248 -19.86 11.21 1.37
N ALA A 249 -20.39 10.12 1.92
CA ALA A 249 -20.03 8.74 1.55
C ALA A 249 -21.32 7.93 1.36
N PHE A 250 -21.36 7.12 0.31
CA PHE A 250 -22.30 6.00 0.09
C PHE A 250 -21.49 4.70 0.20
N TYR A 251 -22.10 3.67 0.80
CA TYR A 251 -21.53 2.30 0.93
C TYR A 251 -22.56 1.29 0.41
N SER A 252 -22.08 0.33 -0.38
CA SER A 252 -22.85 -0.87 -0.81
C SER A 252 -22.15 -2.12 -0.27
N GLU A 253 -22.92 -3.06 0.28
CA GLU A 253 -22.45 -4.41 0.68
C GLU A 253 -22.27 -5.27 -0.58
N GLN A 254 -22.65 -4.76 -1.75
CA GLN A 254 -22.47 -5.44 -3.08
C GLN A 254 -21.36 -4.74 -3.86
N PRO A 255 -20.59 -5.44 -4.72
CA PRO A 255 -20.85 -6.85 -5.06
C PRO A 255 -20.22 -7.90 -4.14
N ASP A 256 -19.83 -7.52 -2.91
CA ASP A 256 -19.19 -8.42 -1.92
C ASP A 256 -20.08 -9.63 -1.62
N PHE A 257 -21.33 -9.40 -1.22
CA PHE A 257 -22.29 -10.46 -0.79
C PHE A 257 -22.30 -11.60 -1.82
N SER A 258 -22.64 -11.27 -3.06
CA SER A 258 -22.80 -12.23 -4.19
C SER A 258 -21.46 -12.88 -4.52
N GLY A 259 -20.38 -12.09 -4.47
CA GLY A 259 -19.00 -12.58 -4.65
C GLY A 259 -18.69 -13.76 -3.75
N HIS A 260 -19.05 -13.68 -2.47
CA HIS A 260 -18.81 -14.74 -1.45
C HIS A 260 -19.62 -15.99 -1.80
N LYS A 261 -20.87 -15.82 -2.22
CA LYS A 261 -21.83 -16.92 -2.47
C LYS A 261 -21.46 -17.65 -3.77
N TYR A 262 -21.29 -16.90 -4.86
CA TYR A 262 -21.23 -17.44 -6.25
C TYR A 262 -19.79 -17.46 -6.78
N GLY A 263 -18.85 -16.82 -6.09
CA GLY A 263 -17.48 -16.58 -6.59
C GLY A 263 -17.46 -15.44 -7.61
N PRO A 264 -16.27 -14.89 -7.94
CA PRO A 264 -16.19 -13.70 -8.79
C PRO A 264 -16.47 -13.92 -10.29
N PHE A 265 -16.45 -15.16 -10.78
CA PHE A 265 -16.58 -15.50 -12.22
C PHE A 265 -17.97 -16.09 -12.53
N GLY A 266 -18.79 -16.34 -11.52
CA GLY A 266 -20.18 -16.79 -11.70
C GLY A 266 -20.95 -15.83 -12.60
N PRO A 267 -21.83 -16.32 -13.49
CA PRO A 267 -22.70 -15.43 -14.28
C PRO A 267 -23.70 -14.69 -13.39
N GLU A 268 -23.88 -15.16 -12.15
CA GLU A 268 -24.76 -14.55 -11.11
C GLU A 268 -24.21 -13.18 -10.70
N MET A 269 -22.95 -12.89 -11.00
CA MET A 269 -22.26 -11.62 -10.64
C MET A 269 -22.82 -10.44 -11.45
N THR A 270 -23.43 -10.70 -12.61
CA THR A 270 -23.97 -9.67 -13.54
C THR A 270 -25.10 -8.88 -12.87
N ASN A 271 -25.97 -9.53 -12.09
CA ASN A 271 -27.19 -8.90 -11.52
C ASN A 271 -26.80 -7.89 -10.44
N PRO A 272 -25.94 -8.25 -9.45
CA PRO A 272 -25.38 -7.28 -8.51
C PRO A 272 -24.76 -6.04 -9.17
N LEU A 273 -23.98 -6.24 -10.24
CA LEU A 273 -23.27 -5.15 -10.96
C LEU A 273 -24.29 -4.23 -11.67
N ARG A 274 -25.36 -4.79 -12.22
CA ARG A 274 -26.48 -4.03 -12.84
C ARG A 274 -27.15 -3.14 -11.78
N GLU A 275 -27.42 -3.70 -10.58
CA GLU A 275 -28.10 -2.99 -9.48
C GLU A 275 -27.18 -1.87 -8.95
N ILE A 276 -25.89 -2.15 -8.77
CA ILE A 276 -24.91 -1.10 -8.35
C ILE A 276 -24.99 0.06 -9.37
N ASP A 277 -24.94 -0.26 -10.66
CA ASP A 277 -24.97 0.75 -11.75
C ASP A 277 -26.28 1.55 -11.70
N LYS A 278 -27.39 0.87 -11.43
CA LYS A 278 -28.73 1.50 -11.28
C LYS A 278 -28.66 2.55 -10.15
N THR A 279 -28.07 2.19 -9.01
CA THR A 279 -27.89 3.07 -7.82
C THR A 279 -27.02 4.27 -8.22
N VAL A 280 -25.95 4.04 -8.99
CA VAL A 280 -25.06 5.10 -9.54
C VAL A 280 -25.90 6.00 -10.47
N GLY A 281 -26.75 5.40 -11.32
CA GLY A 281 -27.68 6.11 -12.22
C GLY A 281 -28.60 7.05 -11.46
N GLN A 282 -29.08 6.62 -10.29
CA GLN A 282 -30.02 7.39 -9.43
C GLN A 282 -29.28 8.62 -8.85
N LEU A 283 -28.04 8.43 -8.38
CA LEU A 283 -27.19 9.54 -7.86
C LEU A 283 -27.00 10.59 -8.96
N MET A 284 -26.54 10.18 -10.14
CA MET A 284 -26.19 11.11 -11.24
C MET A 284 -27.46 11.78 -11.80
N ASP A 285 -28.56 11.04 -11.96
CA ASP A 285 -29.89 11.61 -12.32
C ASP A 285 -30.32 12.60 -11.22
N GLY A 286 -30.10 12.22 -9.96
CA GLY A 286 -30.40 13.07 -8.78
C GLY A 286 -29.59 14.36 -8.78
N LEU A 287 -28.28 14.26 -9.03
CA LEU A 287 -27.37 15.43 -9.09
C LEU A 287 -27.81 16.36 -10.23
N LYS A 288 -28.13 15.78 -11.40
CA LYS A 288 -28.53 16.54 -12.61
C LYS A 288 -29.84 17.29 -12.32
N GLN A 289 -30.78 16.62 -11.65
CA GLN A 289 -32.07 17.19 -11.18
C GLN A 289 -31.79 18.46 -10.36
N LEU A 290 -30.78 18.43 -9.48
CA LEU A 290 -30.40 19.55 -8.59
C LEU A 290 -29.42 20.50 -9.28
N ARG A 291 -29.09 20.22 -10.55
CA ARG A 291 -28.08 20.95 -11.36
C ARG A 291 -26.75 20.98 -10.60
N LEU A 292 -26.38 19.85 -9.98
CA LEU A 292 -25.10 19.66 -9.24
C LEU A 292 -24.22 18.61 -9.95
N HIS A 293 -24.59 18.22 -11.17
CA HIS A 293 -23.90 17.17 -11.97
C HIS A 293 -22.58 17.69 -12.54
N ARG A 294 -22.37 19.01 -12.54
CA ARG A 294 -21.12 19.68 -13.02
C ARG A 294 -20.53 20.54 -11.87
N CYS A 295 -20.88 20.19 -10.63
CA CYS A 295 -20.48 20.90 -9.38
C CYS A 295 -19.71 19.95 -8.45
N VAL A 296 -20.17 18.71 -8.33
CA VAL A 296 -19.73 17.72 -7.30
C VAL A 296 -18.64 16.82 -7.90
N ASN A 297 -17.58 16.59 -7.13
CA ASN A 297 -16.54 15.58 -7.40
C ASN A 297 -17.05 14.25 -6.84
N VAL A 298 -17.15 13.22 -7.69
CA VAL A 298 -17.62 11.86 -7.32
C VAL A 298 -16.43 10.91 -7.43
N ILE A 299 -16.12 10.20 -6.36
CA ILE A 299 -15.13 9.08 -6.35
C ILE A 299 -15.89 7.76 -6.26
N PHE A 300 -15.77 6.92 -7.30
CA PHE A 300 -16.22 5.51 -7.32
C PHE A 300 -15.00 4.64 -6.97
N VAL A 301 -15.06 3.93 -5.85
CA VAL A 301 -13.89 3.25 -5.23
C VAL A 301 -14.37 1.99 -4.51
N GLY A 302 -13.60 0.90 -4.61
CA GLY A 302 -13.79 -0.34 -3.84
C GLY A 302 -12.75 -0.49 -2.75
N ASP A 303 -13.02 -1.35 -1.77
CA ASP A 303 -12.12 -1.63 -0.63
C ASP A 303 -11.14 -2.77 -0.98
N HIS A 304 -11.57 -3.73 -1.79
CA HIS A 304 -10.76 -4.92 -2.19
C HIS A 304 -11.49 -5.72 -3.27
N GLY A 305 -10.80 -6.69 -3.87
CA GLY A 305 -11.34 -7.59 -4.90
C GLY A 305 -11.96 -8.84 -4.30
N MET A 306 -12.09 -9.88 -5.11
CA MET A 306 -12.71 -11.17 -4.74
C MET A 306 -11.99 -12.28 -5.51
N GLU A 307 -11.65 -13.37 -4.82
CA GLU A 307 -10.95 -14.55 -5.39
C GLU A 307 -11.89 -15.76 -5.34
N ASP A 308 -11.63 -16.77 -6.17
CA ASP A 308 -12.31 -18.09 -6.10
CA ASP A 308 -12.30 -18.09 -6.11
C ASP A 308 -11.72 -18.86 -4.91
N VAL A 309 -12.54 -19.11 -3.88
CA VAL A 309 -12.15 -19.83 -2.63
C VAL A 309 -13.32 -20.73 -2.22
N THR A 310 -13.11 -22.04 -2.28
CA THR A 310 -14.09 -23.08 -1.88
C THR A 310 -13.61 -23.75 -0.59
N CYS A 311 -14.54 -24.31 0.20
CA CYS A 311 -14.27 -24.98 1.49
C CYS A 311 -13.40 -26.23 1.29
N ASP A 312 -13.37 -26.77 0.06
CA ASP A 312 -12.55 -27.94 -0.35
C ASP A 312 -11.05 -27.60 -0.25
N ARG A 313 -10.69 -26.33 -0.46
CA ARG A 313 -9.28 -25.85 -0.47
C ARG A 313 -8.93 -25.23 0.88
N THR A 314 -8.92 -26.04 1.94
CA THR A 314 -8.62 -25.63 3.34
C THR A 314 -7.45 -26.47 3.88
N GLU A 315 -6.35 -25.80 4.26
CA GLU A 315 -5.25 -26.37 5.08
C GLU A 315 -5.71 -26.41 6.54
N PHE A 316 -5.43 -27.50 7.25
CA PHE A 316 -5.81 -27.71 8.68
C PHE A 316 -4.53 -27.76 9.53
N LEU A 317 -4.44 -26.90 10.55
CA LEU A 317 -3.27 -26.79 11.46
C LEU A 317 -3.08 -28.10 12.23
N SER A 318 -4.16 -28.86 12.45
CA SER A 318 -4.18 -30.16 13.16
C SER A 318 -3.34 -31.20 12.40
N ASN A 319 -3.02 -30.96 11.12
CA ASN A 319 -2.15 -31.83 10.28
C ASN A 319 -0.67 -31.47 10.48
N TYR A 320 -0.38 -30.36 11.17
CA TYR A 320 0.99 -29.84 11.41
C TYR A 320 1.31 -29.86 12.91
N LEU A 321 0.39 -29.36 13.74
CA LEU A 321 0.59 -29.16 15.19
C LEU A 321 0.00 -30.35 15.95
N THR A 322 0.72 -30.83 16.98
CA THR A 322 0.32 -31.98 17.83
C THR A 322 -0.74 -31.54 18.84
N ASN A 323 -0.88 -30.23 19.10
CA ASN A 323 -1.84 -29.67 20.08
C ASN A 323 -2.44 -28.35 19.56
N VAL A 324 -3.54 -28.42 18.81
CA VAL A 324 -4.25 -27.23 18.25
C VAL A 324 -5.19 -26.64 19.32
N ASP A 325 -5.42 -27.36 20.42
CA ASP A 325 -6.27 -26.91 21.55
C ASP A 325 -5.53 -25.89 22.40
N ASP A 326 -4.20 -25.75 22.22
CA ASP A 326 -3.31 -24.87 23.01
C ASP A 326 -3.15 -23.51 22.32
N ILE A 327 -3.76 -23.31 21.15
CA ILE A 327 -3.61 -22.08 20.32
C ILE A 327 -4.99 -21.50 19.96
N THR A 328 -5.04 -20.20 19.75
CA THR A 328 -6.15 -19.46 19.10
C THR A 328 -5.72 -19.08 17.69
N LEU A 329 -6.55 -19.37 16.69
CA LEU A 329 -6.30 -19.03 15.26
C LEU A 329 -7.38 -18.03 14.80
N VAL A 330 -6.97 -16.91 14.20
CA VAL A 330 -7.82 -16.09 13.30
C VAL A 330 -7.73 -16.74 11.92
N PRO A 331 -8.75 -17.50 11.48
CA PRO A 331 -8.64 -18.35 10.28
C PRO A 331 -9.08 -17.69 8.98
N GLY A 332 -9.04 -18.44 7.88
CA GLY A 332 -9.55 -18.04 6.55
C GLY A 332 -8.42 -17.71 5.59
N THR A 333 -8.50 -16.55 4.93
CA THR A 333 -7.60 -16.11 3.83
C THR A 333 -6.31 -15.52 4.42
N LEU A 334 -6.21 -15.44 5.75
CA LEU A 334 -4.96 -15.20 6.49
C LEU A 334 -5.05 -15.93 7.83
N GLY A 335 -3.91 -16.22 8.44
CA GLY A 335 -3.81 -16.87 9.76
C GLY A 335 -3.07 -15.98 10.73
N ARG A 336 -3.62 -15.83 11.93
CA ARG A 336 -2.94 -15.19 13.09
C ARG A 336 -3.07 -16.15 14.27
N ILE A 337 -1.94 -16.57 14.83
CA ILE A 337 -1.86 -17.57 15.94
C ILE A 337 -1.34 -16.87 17.20
N ARG A 338 -1.99 -17.13 18.35
CA ARG A 338 -1.51 -16.76 19.70
C ARG A 338 -1.86 -17.89 20.66
N ALA A 339 -1.26 -17.91 21.86
CA ALA A 339 -1.51 -18.91 22.91
C ALA A 339 -2.95 -18.75 23.42
N LYS A 340 -3.62 -19.85 23.77
CA LYS A 340 -5.04 -19.86 24.20
C LYS A 340 -5.12 -19.43 25.67
N SER A 341 -4.36 -20.08 26.56
CA SER A 341 -4.31 -19.81 28.02
C SER A 341 -2.88 -19.49 28.45
N ILE A 342 -2.71 -19.01 29.70
CA ILE A 342 -1.41 -18.57 30.29
C ILE A 342 -0.81 -19.73 31.09
N ASN A 343 -1.64 -20.47 31.84
CA ASN A 343 -1.26 -21.69 32.60
C ASN A 343 -0.55 -22.67 31.65
N ASN A 344 -1.03 -22.75 30.40
CA ASN A 344 -0.47 -23.60 29.31
C ASN A 344 1.01 -23.28 29.09
N SER A 345 1.89 -24.28 29.32
CA SER A 345 3.36 -24.21 29.17
C SER A 345 3.81 -24.87 27.85
N LYS A 346 2.93 -25.63 27.20
CA LYS A 346 3.24 -26.44 25.99
C LYS A 346 3.44 -25.53 24.78
N TYR A 347 2.62 -24.47 24.65
CA TYR A 347 2.73 -23.43 23.59
C TYR A 347 4.15 -22.86 23.58
N ASP A 348 4.76 -22.77 22.38
CA ASP A 348 6.13 -22.20 22.17
C ASP A 348 6.25 -21.73 20.72
N PRO A 349 6.40 -20.41 20.45
CA PRO A 349 6.34 -19.89 19.09
C PRO A 349 7.34 -20.52 18.10
N LYS A 350 8.58 -20.76 18.54
CA LYS A 350 9.66 -21.31 17.67
C LYS A 350 9.29 -22.73 17.22
N THR A 351 8.76 -23.56 18.13
CA THR A 351 8.32 -24.95 17.85
C THR A 351 7.16 -24.92 16.86
N ILE A 352 6.24 -23.97 17.01
CA ILE A 352 5.02 -23.83 16.16
C ILE A 352 5.46 -23.46 14.74
N ILE A 353 6.34 -22.47 14.60
CA ILE A 353 6.89 -22.01 13.28
C ILE A 353 7.58 -23.20 12.60
N ALA A 354 8.44 -23.93 13.33
CA ALA A 354 9.17 -25.11 12.82
C ALA A 354 8.17 -26.16 12.31
N ALA A 355 7.12 -26.42 13.08
CA ALA A 355 6.08 -27.44 12.79
C ALA A 355 5.28 -27.07 11.54
N LEU A 356 5.18 -25.77 11.21
CA LEU A 356 4.35 -25.25 10.10
C LEU A 356 5.20 -24.96 8.85
N THR A 357 6.52 -25.19 8.89
CA THR A 357 7.47 -24.80 7.82
C THR A 357 7.74 -25.98 6.87
N CYS A 358 7.32 -25.85 5.62
CA CYS A 358 7.63 -26.75 4.46
C CYS A 358 7.52 -28.21 4.88
N LYS A 359 6.36 -28.62 5.40
CA LYS A 359 6.10 -29.99 5.91
C LYS A 359 5.44 -30.85 4.83
N LYS A 360 4.65 -30.25 3.95
CA LYS A 360 3.90 -30.95 2.87
C LYS A 360 4.33 -30.36 1.52
N PRO A 361 4.38 -31.18 0.43
CA PRO A 361 4.95 -30.73 -0.84
C PRO A 361 4.20 -29.53 -1.45
N ASP A 362 2.87 -29.52 -1.33
CA ASP A 362 1.96 -28.55 -2.01
C ASP A 362 1.44 -27.52 -0.99
N GLN A 363 2.14 -27.36 0.15
CA GLN A 363 1.68 -26.55 1.31
C GLN A 363 1.17 -25.18 0.82
N HIS A 364 -0.09 -24.87 1.10
CA HIS A 364 -0.84 -23.69 0.56
C HIS A 364 -0.88 -22.55 1.58
N PHE A 365 0.00 -22.57 2.58
CA PHE A 365 0.29 -21.41 3.46
C PHE A 365 1.77 -21.43 3.85
N LYS A 366 2.28 -20.29 4.32
CA LYS A 366 3.66 -20.16 4.84
C LYS A 366 3.61 -19.42 6.17
N PRO A 367 4.20 -19.99 7.24
CA PRO A 367 4.29 -19.30 8.53
C PRO A 367 5.40 -18.24 8.49
N TYR A 368 5.14 -17.09 9.12
CA TYR A 368 6.11 -15.99 9.36
C TYR A 368 5.94 -15.45 10.78
N MET A 369 7.04 -15.20 11.48
CA MET A 369 7.08 -14.18 12.56
C MET A 369 6.82 -12.83 11.86
N LYS A 370 5.97 -11.97 12.42
CA LYS A 370 5.40 -10.81 11.70
C LYS A 370 6.52 -9.88 11.20
N GLN A 371 7.65 -9.82 11.91
CA GLN A 371 8.81 -8.96 11.55
C GLN A 371 9.48 -9.49 10.26
N HIS A 372 9.25 -10.75 9.87
CA HIS A 372 9.85 -11.41 8.67
C HIS A 372 8.90 -11.38 7.48
N LEU A 373 7.67 -10.86 7.64
CA LEU A 373 6.72 -10.64 6.51
C LEU A 373 7.34 -9.64 5.54
N PRO A 374 7.07 -9.76 4.22
CA PRO A 374 7.47 -8.74 3.26
C PRO A 374 7.14 -7.32 3.76
N LYS A 375 8.12 -6.42 3.70
CA LYS A 375 8.03 -5.07 4.30
C LYS A 375 6.97 -4.24 3.58
N ARG A 376 6.71 -4.54 2.30
CA ARG A 376 5.68 -3.87 1.46
C ARG A 376 4.28 -4.05 2.07
N LEU A 377 4.07 -5.12 2.86
CA LEU A 377 2.76 -5.37 3.54
C LEU A 377 2.58 -4.40 4.70
N HIS A 378 3.68 -3.89 5.27
CA HIS A 378 3.70 -2.98 6.44
C HIS A 378 2.76 -3.51 7.54
N TYR A 379 2.86 -4.78 7.91
CA TYR A 379 1.91 -5.48 8.81
C TYR A 379 2.65 -6.13 9.99
N ALA A 380 3.12 -5.31 10.94
CA ALA A 380 3.88 -5.79 12.12
C ALA A 380 3.77 -4.83 13.31
N ASN A 381 3.84 -3.52 13.09
CA ASN A 381 3.99 -2.50 14.18
C ASN A 381 2.63 -2.21 14.82
N ASN A 382 2.06 -3.20 15.50
CA ASN A 382 0.80 -3.05 16.28
C ASN A 382 0.65 -4.27 17.21
N ARG A 383 0.41 -4.02 18.50
CA ARG A 383 0.19 -5.07 19.54
C ARG A 383 -1.02 -5.93 19.19
N ARG A 384 -1.90 -5.48 18.28
CA ARG A 384 -3.10 -6.24 17.82
C ARG A 384 -2.70 -7.28 16.77
N ILE A 385 -1.52 -7.17 16.17
CA ILE A 385 -1.03 -8.15 15.16
C ILE A 385 -0.22 -9.23 15.89
N GLU A 386 -0.72 -10.47 15.88
CA GLU A 386 -0.10 -11.64 16.55
C GLU A 386 1.31 -11.85 15.96
N ASP A 387 2.26 -12.29 16.80
CA ASP A 387 3.68 -12.54 16.42
C ASP A 387 3.70 -13.53 15.25
N ILE A 388 2.92 -14.61 15.35
CA ILE A 388 2.86 -15.69 14.33
C ILE A 388 1.75 -15.36 13.31
N HIS A 389 2.15 -15.29 12.03
CA HIS A 389 1.26 -14.98 10.88
C HIS A 389 1.41 -16.09 9.83
N LEU A 390 0.28 -16.51 9.23
CA LEU A 390 0.25 -17.42 8.06
C LEU A 390 -0.20 -16.63 6.83
N LEU A 391 0.69 -16.49 5.84
CA LEU A 391 0.35 -16.00 4.48
C LEU A 391 -0.25 -17.17 3.70
N VAL A 392 -1.53 -17.08 3.37
CA VAL A 392 -2.30 -18.17 2.69
C VAL A 392 -2.22 -17.93 1.18
N ASP A 393 -1.97 -18.99 0.41
CA ASP A 393 -1.97 -18.94 -1.08
C ASP A 393 -3.38 -18.50 -1.54
N ARG A 394 -3.44 -17.66 -2.59
CA ARG A 394 -4.71 -17.25 -3.23
C ARG A 394 -5.54 -18.51 -3.55
N ARG A 395 -6.86 -18.43 -3.35
CA ARG A 395 -7.85 -19.50 -3.62
C ARG A 395 -7.94 -20.49 -2.44
N TRP A 396 -7.17 -20.28 -1.36
CA TRP A 396 -7.08 -21.24 -0.23
C TRP A 396 -7.52 -20.59 1.09
N HIS A 397 -7.97 -21.43 2.03
CA HIS A 397 -8.23 -21.08 3.45
C HIS A 397 -7.25 -21.86 4.34
N VAL A 398 -6.99 -21.34 5.53
CA VAL A 398 -6.34 -22.10 6.65
C VAL A 398 -7.32 -22.10 7.83
N ALA A 399 -7.56 -23.27 8.42
CA ALA A 399 -8.46 -23.47 9.58
C ALA A 399 -7.74 -24.35 10.61
N ARG A 400 -8.24 -24.36 11.84
CA ARG A 400 -7.60 -25.03 12.99
C ARG A 400 -7.81 -26.55 12.89
N LYS A 401 -9.05 -26.97 12.61
CA LYS A 401 -9.45 -28.41 12.56
C LYS A 401 -10.40 -28.67 11.40
N PRO A 402 -10.37 -29.87 10.79
CA PRO A 402 -11.31 -30.26 9.75
C PRO A 402 -12.79 -29.92 10.04
N LEU A 403 -13.22 -30.07 11.30
CA LEU A 403 -14.63 -29.87 11.72
C LEU A 403 -15.07 -28.41 11.57
N ASP A 404 -14.13 -27.47 11.41
CA ASP A 404 -14.40 -26.02 11.25
C ASP A 404 -14.71 -25.69 9.78
N LYS A 412 -21.21 -29.89 -0.94
CA LYS A 412 -21.32 -28.51 -1.49
C LYS A 412 -20.99 -27.50 -0.37
N CYS A 413 -20.10 -26.55 -0.66
CA CYS A 413 -19.73 -25.43 0.25
C CYS A 413 -20.83 -24.36 0.21
N PHE A 414 -20.90 -23.51 1.24
CA PHE A 414 -21.83 -22.35 1.32
C PHE A 414 -21.24 -21.17 0.56
N PHE A 415 -19.90 -21.10 0.48
CA PHE A 415 -19.13 -19.95 -0.09
C PHE A 415 -18.23 -20.45 -1.23
N GLN A 416 -18.07 -19.61 -2.26
CA GLN A 416 -17.19 -19.88 -3.44
C GLN A 416 -16.29 -18.67 -3.73
N GLY A 417 -16.39 -17.62 -2.92
CA GLY A 417 -15.55 -16.41 -3.05
C GLY A 417 -15.09 -15.91 -1.70
N ASP A 418 -13.84 -15.45 -1.61
CA ASP A 418 -13.31 -14.78 -0.40
C ASP A 418 -12.15 -13.89 -0.79
N HIS A 419 -11.71 -13.06 0.17
CA HIS A 419 -10.60 -12.08 0.05
C HIS A 419 -9.90 -11.99 1.42
N GLY A 420 -8.80 -11.23 1.48
CA GLY A 420 -7.93 -11.13 2.67
C GLY A 420 -6.47 -11.40 2.34
N PHE A 421 -6.21 -11.97 1.15
CA PHE A 421 -4.87 -12.43 0.68
C PHE A 421 -3.93 -11.24 0.47
N ASP A 422 -2.63 -11.56 0.34
CA ASP A 422 -1.55 -10.63 -0.12
C ASP A 422 -2.14 -9.58 -1.06
N ASN A 423 -1.84 -8.30 -0.83
CA ASN A 423 -2.50 -7.16 -1.51
C ASN A 423 -1.94 -6.96 -2.93
N LYS A 424 -0.89 -7.71 -3.33
CA LYS A 424 -0.32 -7.62 -4.71
C LYS A 424 -0.97 -8.67 -5.62
N VAL A 425 -1.79 -9.56 -5.06
CA VAL A 425 -2.58 -10.60 -5.78
C VAL A 425 -3.61 -9.90 -6.68
N ASN A 426 -3.64 -10.25 -7.97
CA ASN A 426 -4.48 -9.61 -9.03
C ASN A 426 -5.95 -9.58 -8.58
N SER A 427 -6.46 -10.72 -8.10
CA SER A 427 -7.89 -10.92 -7.73
C SER A 427 -8.30 -9.98 -6.58
N MET A 428 -7.33 -9.46 -5.81
CA MET A 428 -7.58 -8.57 -4.65
C MET A 428 -7.61 -7.10 -5.07
N GLN A 429 -7.16 -6.77 -6.29
CA GLN A 429 -7.15 -5.38 -6.80
C GLN A 429 -8.60 -4.90 -6.96
N THR A 430 -8.83 -3.61 -6.67
CA THR A 430 -10.17 -2.98 -6.67
C THR A 430 -10.15 -1.80 -7.65
N VAL A 431 -11.20 -0.97 -7.63
CA VAL A 431 -11.46 0.06 -8.68
C VAL A 431 -11.21 1.46 -8.11
N PHE A 432 -10.88 2.41 -8.98
CA PHE A 432 -10.93 3.86 -8.70
C PHE A 432 -11.38 4.60 -9.97
N VAL A 433 -12.37 5.47 -9.81
CA VAL A 433 -12.79 6.47 -10.82
C VAL A 433 -13.06 7.77 -10.07
N GLY A 434 -12.52 8.87 -10.59
CA GLY A 434 -12.80 10.26 -10.19
C GLY A 434 -13.48 10.99 -11.32
N TYR A 435 -14.61 11.63 -11.04
CA TYR A 435 -15.39 12.42 -12.02
C TYR A 435 -15.85 13.72 -11.36
N GLY A 436 -15.75 14.83 -12.08
CA GLY A 436 -16.17 16.15 -11.61
C GLY A 436 -15.16 17.23 -12.00
N PRO A 437 -15.40 18.49 -11.58
CA PRO A 437 -14.62 19.63 -12.06
C PRO A 437 -13.12 19.58 -11.71
N THR A 438 -12.75 18.95 -10.58
CA THR A 438 -11.36 18.96 -10.04
C THR A 438 -10.55 17.80 -10.62
N PHE A 439 -11.21 16.72 -11.04
CA PHE A 439 -10.56 15.57 -11.73
C PHE A 439 -10.37 15.92 -13.21
N LYS A 440 -9.35 15.33 -13.83
CA LYS A 440 -9.03 15.51 -15.27
C LYS A 440 -10.14 14.89 -16.12
N TYR A 441 -10.24 15.34 -17.38
CA TYR A 441 -11.22 14.89 -18.40
C TYR A 441 -10.62 13.72 -19.19
N ARG A 442 -11.42 12.68 -19.47
CA ARG A 442 -11.06 11.49 -20.29
C ARG A 442 -9.58 11.14 -20.11
N THR A 443 -9.14 10.89 -18.87
CA THR A 443 -7.71 10.65 -18.52
C THR A 443 -7.56 9.27 -17.88
N LYS A 444 -6.54 8.54 -18.30
CA LYS A 444 -6.08 7.27 -17.67
C LYS A 444 -4.82 7.58 -16.87
N VAL A 445 -4.71 7.03 -15.66
CA VAL A 445 -3.53 7.18 -14.76
C VAL A 445 -3.05 5.78 -14.39
N PRO A 446 -1.75 5.61 -14.07
CA PRO A 446 -1.23 4.32 -13.63
C PRO A 446 -1.91 3.82 -12.37
N PRO A 447 -1.94 2.50 -12.11
CA PRO A 447 -2.43 1.97 -10.84
C PRO A 447 -1.68 2.60 -9.66
N PHE A 448 -2.36 2.79 -8.52
CA PHE A 448 -1.83 3.40 -7.28
C PHE A 448 -2.43 2.72 -6.04
N GLU A 449 -1.85 3.00 -4.87
CA GLU A 449 -2.22 2.37 -3.57
C GLU A 449 -3.31 3.23 -2.90
N ASN A 450 -4.23 2.58 -2.19
CA ASN A 450 -5.42 3.25 -1.59
C ASN A 450 -4.96 4.23 -0.49
N ILE A 451 -3.77 4.01 0.08
CA ILE A 451 -3.17 4.90 1.12
C ILE A 451 -3.00 6.32 0.57
N GLU A 452 -2.96 6.48 -0.76
CA GLU A 452 -2.72 7.80 -1.43
C GLU A 452 -4.01 8.62 -1.49
N LEU A 453 -5.20 8.00 -1.39
CA LEU A 453 -6.49 8.68 -1.69
C LEU A 453 -6.82 9.77 -0.65
N TYR A 454 -6.46 9.56 0.63
CA TYR A 454 -6.78 10.51 1.73
C TYR A 454 -6.27 11.91 1.37
N ASN A 455 -5.00 12.00 0.95
CA ASN A 455 -4.35 13.28 0.54
C ASN A 455 -5.15 13.93 -0.59
N VAL A 456 -5.54 13.15 -1.60
CA VAL A 456 -6.30 13.67 -2.79
C VAL A 456 -7.65 14.22 -2.31
N MET A 457 -8.36 13.48 -1.45
CA MET A 457 -9.71 13.87 -0.97
C MET A 457 -9.60 15.14 -0.12
N CYS A 458 -8.51 15.26 0.65
CA CYS A 458 -8.16 16.50 1.40
C CYS A 458 -7.94 17.65 0.41
N ASP A 459 -7.20 17.41 -0.67
CA ASP A 459 -6.92 18.40 -1.75
C ASP A 459 -8.24 18.84 -2.39
N LEU A 460 -9.10 17.88 -2.72
CA LEU A 460 -10.42 18.14 -3.37
C LEU A 460 -11.24 19.08 -2.48
N LEU A 461 -11.08 18.99 -1.14
CA LEU A 461 -11.93 19.69 -0.15
C LEU A 461 -11.21 20.92 0.44
N GLY A 462 -9.98 21.19 0.00
CA GLY A 462 -9.18 22.34 0.49
C GLY A 462 -8.73 22.15 1.93
N LEU A 463 -8.61 20.88 2.38
CA LEU A 463 -8.24 20.52 3.77
C LEU A 463 -6.75 20.24 3.85
N LYS A 464 -6.13 20.56 4.99
CA LYS A 464 -4.77 20.13 5.36
C LYS A 464 -4.83 18.67 5.84
N PRO A 465 -4.19 17.71 5.13
CA PRO A 465 -4.18 16.32 5.58
C PRO A 465 -3.51 16.16 6.95
N ALA A 466 -4.08 15.34 7.83
CA ALA A 466 -3.40 14.81 9.04
C ALA A 466 -2.21 13.97 8.58
N PRO A 467 -1.16 13.78 9.39
CA PRO A 467 0.00 13.00 8.95
C PRO A 467 -0.44 11.57 8.59
N ASN A 468 -0.03 11.07 7.43
CA ASN A 468 -0.51 9.78 6.88
C ASN A 468 0.59 9.14 6.03
N ASN A 469 0.31 7.97 5.43
CA ASN A 469 1.32 7.13 4.75
C ASN A 469 1.28 7.35 3.23
N GLY A 470 0.35 8.19 2.76
CA GLY A 470 0.38 8.75 1.40
C GLY A 470 1.68 9.49 1.13
N THR A 471 2.05 9.63 -0.13
CA THR A 471 3.15 10.53 -0.58
C THR A 471 2.49 11.72 -1.27
N HIS A 472 2.31 12.81 -0.53
CA HIS A 472 1.52 14.01 -0.95
C HIS A 472 2.18 14.62 -2.19
N GLY A 473 1.46 14.64 -3.31
CA GLY A 473 1.96 15.09 -4.61
C GLY A 473 2.00 13.97 -5.62
N SER A 474 2.15 12.72 -5.16
CA SER A 474 2.33 11.51 -6.01
C SER A 474 1.10 11.28 -6.91
N LEU A 475 -0.06 11.85 -6.56
CA LEU A 475 -1.33 11.70 -7.33
C LEU A 475 -1.80 13.05 -7.88
N ASN A 476 -0.91 14.06 -7.97
CA ASN A 476 -1.23 15.39 -8.54
C ASN A 476 -1.72 15.23 -9.99
N HIS A 477 -1.29 14.18 -10.68
CA HIS A 477 -1.60 13.93 -12.12
C HIS A 477 -3.05 13.42 -12.30
N LEU A 478 -3.79 13.18 -11.20
CA LEU A 478 -5.24 12.84 -11.26
C LEU A 478 -6.07 14.10 -11.42
N LEU A 479 -5.54 15.27 -11.03
CA LEU A 479 -6.31 16.51 -10.78
C LEU A 479 -6.04 17.55 -11.87
N ARG A 480 -7.11 18.23 -12.31
CA ARG A 480 -7.07 19.41 -13.22
C ARG A 480 -6.40 20.58 -12.51
N THR A 481 -6.60 20.70 -11.19
CA THR A 481 -6.07 21.81 -10.36
C THR A 481 -5.58 21.26 -9.02
N ASN A 482 -4.39 21.71 -8.59
CA ASN A 482 -3.64 21.25 -7.39
C ASN A 482 -3.37 22.42 -6.45
N THR A 483 -3.85 22.32 -5.20
CA THR A 483 -3.65 23.31 -4.12
C THR A 483 -2.51 22.84 -3.20
N PHE A 484 -1.78 21.79 -3.60
CA PHE A 484 -0.54 21.30 -2.93
C PHE A 484 0.55 21.05 -3.96
N ARG A 485 1.64 21.82 -3.88
CA ARG A 485 2.89 21.65 -4.67
C ARG A 485 3.93 20.99 -3.76
N PRO A 486 4.48 19.81 -4.14
CA PRO A 486 5.46 19.12 -3.30
C PRO A 486 6.83 19.80 -3.37
N THR A 487 7.55 19.84 -2.24
CA THR A 487 8.91 20.38 -2.11
C THR A 487 9.86 19.26 -1.69
N MET A 488 10.96 19.08 -2.43
CA MET A 488 12.05 18.13 -2.13
C MET A 488 12.61 18.43 -0.74
N PRO A 489 12.79 17.42 0.14
CA PRO A 489 13.32 17.67 1.48
C PRO A 489 14.79 18.10 1.48
N ASP A 490 15.14 19.04 2.37
CA ASP A 490 16.52 19.56 2.57
C ASP A 490 17.42 18.42 3.06
N GLU A 491 18.58 18.21 2.43
CA GLU A 491 19.63 17.30 2.94
C GLU A 491 20.08 17.82 4.31
N VAL A 492 20.21 16.91 5.28
CA VAL A 492 20.50 17.22 6.71
C VAL A 492 22.00 17.03 6.98
N SER A 493 22.62 16.03 6.35
CA SER A 493 24.07 15.70 6.47
C SER A 493 24.77 15.92 5.13
N ARG A 494 25.81 16.76 5.09
CA ARG A 494 26.69 16.98 3.92
C ARG A 494 27.77 15.90 3.92
N PRO A 495 28.08 15.30 2.75
CA PRO A 495 29.11 14.26 2.67
C PRO A 495 30.52 14.84 2.82
N ASN A 496 31.45 14.02 3.31
CA ASN A 496 32.92 14.26 3.24
C ASN A 496 33.45 13.58 1.97
N TYR A 497 34.58 14.06 1.44
CA TYR A 497 35.24 13.54 0.21
C TYR A 497 36.69 13.20 0.54
N PRO A 498 36.94 12.16 1.36
CA PRO A 498 38.26 11.90 1.91
C PRO A 498 39.26 11.36 0.87
N GLY A 499 40.43 11.99 0.77
CA GLY A 499 41.55 11.55 -0.09
C GLY A 499 42.27 10.37 0.52
N ILE A 500 43.12 9.70 -0.28
CA ILE A 500 44.05 8.62 0.19
C ILE A 500 45.11 9.28 1.07
N MET A 501 45.09 9.00 2.38
CA MET A 501 45.90 9.74 3.39
C MET A 501 46.60 8.80 4.38
N TYR A 502 45.96 7.69 4.77
CA TYR A 502 46.45 6.75 5.81
C TYR A 502 47.46 5.76 5.22
N LEU A 503 48.50 5.44 6.00
CA LEU A 503 49.51 4.41 5.66
C LEU A 503 48.94 3.02 5.96
N GLN A 504 49.40 1.98 5.27
CA GLN A 504 48.94 0.57 5.43
C GLN A 504 49.31 0.08 6.84
N SER A 505 50.42 0.56 7.40
CA SER A 505 50.94 0.20 8.75
C SER A 505 49.99 0.69 9.85
N GLU A 506 49.15 1.70 9.56
CA GLU A 506 48.17 2.26 10.53
C GLU A 506 46.99 1.30 10.73
N PHE A 507 46.82 0.32 9.83
CA PHE A 507 45.65 -0.61 9.81
C PHE A 507 46.03 -1.94 10.47
N ASP A 508 45.25 -2.35 11.48
CA ASP A 508 45.41 -3.64 12.21
C ASP A 508 44.02 -4.29 12.32
N LEU A 509 43.37 -4.51 11.17
CA LEU A 509 41.97 -5.03 11.05
C LEU A 509 41.97 -6.56 10.98
N GLY A 510 43.15 -7.20 10.97
CA GLY A 510 43.31 -8.66 10.86
C GLY A 510 42.79 -9.17 9.52
N CYS A 511 42.79 -8.30 8.50
CA CYS A 511 42.35 -8.61 7.11
C CYS A 511 43.58 -8.91 6.25
N THR A 512 43.47 -9.89 5.35
CA THR A 512 44.55 -10.30 4.41
C THR A 512 44.01 -10.26 2.98
N CYS A 513 44.87 -9.92 2.02
CA CYS A 513 44.58 -9.97 0.56
C CYS A 513 45.87 -10.20 -0.23
N ASP A 514 45.74 -10.82 -1.41
CA ASP A 514 46.85 -11.04 -2.36
C ASP A 514 46.96 -9.81 -3.29
N ASP A 515 47.63 -8.76 -2.80
CA ASP A 515 47.88 -7.49 -3.54
C ASP A 515 49.32 -7.44 -4.05
N LYS A 516 50.27 -7.14 -3.15
CA LYS A 516 51.69 -6.86 -3.48
C LYS A 516 52.59 -7.79 -2.67
N LEU A 523 53.80 4.19 -6.65
CA LEU A 523 52.85 4.81 -7.62
C LEU A 523 51.64 5.34 -6.85
N GLU A 524 51.87 6.33 -5.99
CA GLU A 524 50.90 6.91 -5.03
C GLU A 524 49.79 7.64 -5.81
N GLU A 525 50.15 8.55 -6.70
CA GLU A 525 49.19 9.49 -7.37
C GLU A 525 48.39 8.73 -8.44
N LEU A 526 48.90 7.57 -8.87
CA LEU A 526 48.21 6.65 -9.81
C LEU A 526 47.07 5.92 -9.09
N ASN A 527 47.32 5.49 -7.84
CA ASN A 527 46.28 4.97 -6.93
C ASN A 527 45.20 6.05 -6.77
N LYS A 528 45.62 7.30 -6.53
CA LYS A 528 44.69 8.43 -6.25
C LYS A 528 43.77 8.69 -7.45
N ARG A 529 44.32 8.81 -8.67
CA ARG A 529 43.53 9.17 -9.90
C ARG A 529 42.49 8.08 -10.21
N LEU A 530 42.72 6.85 -9.77
CA LEU A 530 41.77 5.71 -9.90
C LEU A 530 40.64 5.82 -8.85
N HIS A 531 40.76 6.78 -7.92
CA HIS A 531 39.79 7.00 -6.80
C HIS A 531 39.43 8.49 -6.68
N THR A 532 39.57 9.27 -7.76
CA THR A 532 39.14 10.68 -7.86
C THR A 532 37.73 10.73 -8.44
N LYS A 533 37.11 11.91 -8.47
CA LYS A 533 35.76 12.13 -9.06
C LYS A 533 35.75 11.57 -10.48
N GLY A 534 36.63 12.08 -11.34
CA GLY A 534 36.69 11.72 -12.77
C GLY A 534 35.31 11.80 -13.41
N SER A 535 34.90 10.74 -14.13
CA SER A 535 33.57 10.61 -14.77
C SER A 535 32.71 9.58 -14.00
N THR A 536 33.16 9.19 -12.81
CA THR A 536 32.50 8.17 -11.93
C THR A 536 31.04 8.54 -11.68
N LYS A 537 30.80 9.75 -11.17
CA LYS A 537 29.46 10.28 -10.82
C LYS A 537 28.57 10.27 -12.07
N GLU A 538 29.11 10.74 -13.21
CA GLU A 538 28.40 10.82 -14.51
C GLU A 538 27.95 9.42 -14.95
N ARG A 539 28.79 8.40 -14.72
CA ARG A 539 28.57 7.00 -15.19
C ARG A 539 27.70 6.24 -14.18
N HIS A 540 27.96 6.38 -12.88
CA HIS A 540 27.45 5.48 -11.81
C HIS A 540 26.38 6.14 -10.94
N LEU A 541 26.34 7.47 -10.83
CA LEU A 541 25.27 8.23 -10.13
C LEU A 541 24.42 8.99 -11.17
N LEU A 542 23.45 8.32 -11.80
CA LEU A 542 22.72 8.86 -12.97
C LEU A 542 21.67 9.90 -12.52
N TYR A 543 21.16 9.78 -11.29
CA TYR A 543 19.99 10.56 -10.78
C TYR A 543 20.43 11.43 -9.60
N GLY A 544 21.72 11.78 -9.55
CA GLY A 544 22.33 12.58 -8.48
C GLY A 544 22.53 11.76 -7.22
N ARG A 545 23.40 12.25 -6.34
CA ARG A 545 23.69 11.66 -5.00
C ARG A 545 22.39 11.55 -4.22
N PRO A 546 22.12 10.43 -3.51
CA PRO A 546 21.03 10.38 -2.55
C PRO A 546 21.28 11.37 -1.41
N ALA A 547 20.25 12.11 -0.98
CA ALA A 547 20.31 13.02 0.18
C ALA A 547 20.09 12.21 1.47
N VAL A 548 20.97 12.42 2.45
CA VAL A 548 20.84 11.84 3.83
C VAL A 548 19.98 12.80 4.66
N LEU A 549 18.81 12.37 5.10
CA LEU A 549 17.79 13.20 5.78
C LEU A 549 17.86 13.06 7.31
N TYR A 550 18.95 12.49 7.83
CA TYR A 550 19.22 12.40 9.29
C TYR A 550 20.67 12.84 9.56
N ARG A 551 20.95 13.23 10.81
CA ARG A 551 22.29 13.68 11.25
C ARG A 551 23.20 12.46 11.36
N THR A 552 24.31 12.47 10.62
CA THR A 552 25.32 11.39 10.61
C THR A 552 26.59 11.88 9.91
N SER A 553 27.66 11.10 10.02
CA SER A 553 28.97 11.34 9.37
C SER A 553 29.21 10.23 8.35
N TYR A 554 29.28 10.59 7.07
CA TYR A 554 29.50 9.62 5.96
C TYR A 554 30.43 10.23 4.91
N ASP A 555 31.05 9.36 4.11
CA ASP A 555 32.09 9.69 3.10
C ASP A 555 31.65 9.23 1.71
N ILE A 556 31.80 10.09 0.72
CA ILE A 556 31.67 9.75 -0.74
C ILE A 556 33.00 9.10 -1.16
N LEU A 557 32.94 7.84 -1.58
CA LEU A 557 34.10 7.05 -2.08
C LEU A 557 33.91 6.82 -3.58
N TYR A 558 34.88 7.26 -4.38
CA TYR A 558 34.89 7.13 -5.86
C TYR A 558 35.72 5.90 -6.26
N HIS A 559 35.21 5.13 -7.22
CA HIS A 559 35.89 3.99 -7.90
C HIS A 559 35.53 4.01 -9.39
N THR A 560 36.29 3.27 -10.21
CA THR A 560 36.03 3.07 -11.65
C THR A 560 34.60 2.54 -11.87
N ASP A 561 34.17 1.57 -11.05
CA ASP A 561 32.98 0.72 -11.31
C ASP A 561 31.79 1.14 -10.45
N PHE A 562 32.00 1.90 -9.38
CA PHE A 562 30.91 2.29 -8.44
C PHE A 562 31.30 3.50 -7.61
N GLU A 563 30.26 4.13 -7.04
CA GLU A 563 30.37 5.20 -6.02
C GLU A 563 29.56 4.77 -4.80
N SER A 564 30.04 5.08 -3.59
CA SER A 564 29.37 4.69 -2.33
C SER A 564 29.33 5.88 -1.35
N GLY A 565 28.25 5.95 -0.58
CA GLY A 565 28.12 6.78 0.63
C GLY A 565 28.42 5.94 1.87
N TYR A 566 29.67 5.94 2.32
CA TYR A 566 30.16 5.08 3.42
C TYR A 566 29.88 5.75 4.77
N SER A 567 29.06 5.12 5.62
CA SER A 567 28.74 5.60 6.99
C SER A 567 29.88 5.29 7.96
N GLU A 568 30.44 6.33 8.58
CA GLU A 568 31.50 6.21 9.63
C GLU A 568 30.87 5.79 10.96
N ILE A 569 29.54 5.80 11.07
CA ILE A 569 28.78 5.42 12.29
C ILE A 569 28.45 3.92 12.23
N PHE A 570 27.96 3.44 11.09
CA PHE A 570 27.52 2.04 10.87
C PHE A 570 28.66 1.23 10.25
N LEU A 571 29.79 1.87 9.94
CA LEU A 571 31.04 1.22 9.42
C LEU A 571 30.75 0.47 8.12
N MET A 572 29.84 0.98 7.28
CA MET A 572 29.48 0.36 5.98
C MET A 572 28.71 1.38 5.14
N PRO A 573 28.54 1.15 3.81
CA PRO A 573 27.79 2.07 2.97
C PRO A 573 26.30 2.16 3.35
N LEU A 574 25.73 3.37 3.28
CA LEU A 574 24.26 3.61 3.33
C LEU A 574 23.69 3.28 1.95
N TRP A 575 24.49 3.50 0.91
CA TRP A 575 24.14 3.21 -0.50
C TRP A 575 25.43 2.98 -1.29
N THR A 576 25.34 2.11 -2.30
CA THR A 576 26.38 1.83 -3.32
C THR A 576 25.70 1.96 -4.68
N SER A 577 26.20 2.84 -5.54
CA SER A 577 25.62 3.17 -6.87
C SER A 577 26.56 2.69 -7.97
N TYR A 578 26.03 1.97 -8.97
CA TYR A 578 26.79 1.51 -10.16
C TYR A 578 25.84 1.23 -11.33
N THR A 579 26.35 1.44 -12.54
CA THR A 579 25.62 1.23 -13.82
C THR A 579 26.23 0.02 -14.53
N ILE A 580 25.38 -0.95 -14.89
CA ILE A 580 25.76 -2.16 -15.69
C ILE A 580 25.13 -2.01 -17.07
N SER A 581 25.95 -1.85 -18.11
CA SER A 581 25.49 -1.74 -19.52
C SER A 581 24.93 -3.09 -19.97
N LYS A 582 24.01 -3.08 -20.94
CA LYS A 582 23.43 -4.30 -21.58
C LYS A 582 24.55 -5.27 -21.95
N GLN A 583 25.69 -4.75 -22.39
CA GLN A 583 26.82 -5.51 -23.02
C GLN A 583 27.85 -5.93 -21.95
N ALA A 584 27.61 -5.63 -20.68
CA ALA A 584 28.56 -5.90 -19.56
C ALA A 584 28.88 -7.40 -19.48
N GLU A 585 30.12 -7.73 -19.14
CA GLU A 585 30.60 -9.13 -19.01
C GLU A 585 30.66 -9.51 -17.52
N VAL A 586 30.16 -10.71 -17.18
CA VAL A 586 30.28 -11.32 -15.83
C VAL A 586 31.59 -12.11 -15.79
N SER A 587 32.42 -11.85 -14.77
CA SER A 587 33.66 -12.60 -14.45
C SER A 587 33.47 -13.29 -13.09
N SER A 588 34.38 -14.18 -12.72
CA SER A 588 34.37 -14.88 -11.41
C SER A 588 35.12 -14.04 -10.37
N ILE A 589 35.04 -14.43 -9.09
CA ILE A 589 36.00 -14.03 -8.03
C ILE A 589 37.24 -14.90 -8.23
N PRO A 590 38.39 -14.33 -8.68
CA PRO A 590 39.59 -15.13 -8.89
C PRO A 590 39.93 -15.87 -7.59
N GLU A 591 40.49 -17.08 -7.69
CA GLU A 591 40.74 -17.96 -6.52
C GLU A 591 41.69 -17.26 -5.54
N HIS A 592 42.65 -16.48 -6.05
CA HIS A 592 43.69 -15.80 -5.22
C HIS A 592 43.07 -14.62 -4.46
N LEU A 593 41.83 -14.24 -4.75
CA LEU A 593 41.10 -13.11 -4.09
C LEU A 593 39.88 -13.63 -3.31
N THR A 594 39.74 -14.95 -3.13
CA THR A 594 38.56 -15.61 -2.50
C THR A 594 38.23 -14.93 -1.16
N ASN A 595 39.21 -14.83 -0.27
CA ASN A 595 39.05 -14.30 1.12
C ASN A 595 39.78 -12.95 1.24
N CYS A 596 39.90 -12.22 0.13
CA CYS A 596 40.57 -10.89 0.05
C CYS A 596 39.66 -9.82 0.68
N VAL A 597 40.19 -9.09 1.67
CA VAL A 597 39.61 -7.83 2.21
C VAL A 597 40.76 -6.82 2.32
N ARG A 598 40.63 -5.66 1.68
CA ARG A 598 41.71 -4.64 1.59
C ARG A 598 41.34 -3.44 2.46
N PRO A 599 42.27 -2.95 3.32
CA PRO A 599 42.10 -1.67 4.00
C PRO A 599 41.84 -0.53 3.02
N ASP A 600 40.90 0.36 3.34
CA ASP A 600 40.61 1.59 2.56
C ASP A 600 41.39 2.75 3.21
N VAL A 601 42.43 3.22 2.53
CA VAL A 601 43.41 4.22 3.05
C VAL A 601 42.81 5.64 2.97
N ARG A 602 41.54 5.77 2.56
CA ARG A 602 40.77 7.04 2.63
C ARG A 602 40.07 7.14 3.99
N VAL A 603 39.81 6.01 4.65
CA VAL A 603 38.97 5.92 5.88
C VAL A 603 39.84 5.45 7.05
N SER A 604 39.72 6.11 8.21
CA SER A 604 40.46 5.81 9.45
C SER A 604 40.29 4.34 9.82
N PRO A 605 41.36 3.68 10.32
CA PRO A 605 41.22 2.36 10.94
C PRO A 605 40.06 2.32 11.95
N GLY A 606 39.91 3.39 12.73
CA GLY A 606 38.90 3.55 13.80
C GLY A 606 37.47 3.59 13.29
N PHE A 607 37.25 3.92 12.00
CA PHE A 607 35.92 3.97 11.34
C PHE A 607 35.85 2.92 10.22
N SER A 608 36.52 1.78 10.40
CA SER A 608 36.55 0.63 9.46
C SER A 608 36.08 -0.62 10.20
N GLN A 609 35.50 -1.58 9.47
CA GLN A 609 35.23 -2.95 9.98
C GLN A 609 36.57 -3.68 10.15
N ASN A 610 36.60 -4.75 10.94
CA ASN A 610 37.79 -5.62 11.11
C ASN A 610 37.39 -7.07 10.80
N CYS A 611 38.28 -7.81 10.15
CA CYS A 611 38.05 -9.21 9.69
C CYS A 611 38.14 -10.17 10.89
N LEU A 612 38.76 -9.73 11.99
CA LEU A 612 38.84 -10.49 13.26
C LEU A 612 37.43 -10.75 13.79
N ALA A 613 36.57 -9.72 13.79
CA ALA A 613 35.15 -9.79 14.22
C ALA A 613 34.48 -10.97 13.52
N TYR A 614 34.65 -11.09 12.20
CA TYR A 614 33.95 -12.07 11.33
C TYR A 614 34.44 -13.49 11.61
N LYS A 615 35.71 -13.67 12.00
CA LYS A 615 36.29 -14.99 12.35
C LYS A 615 35.71 -15.46 13.69
N ASN A 616 35.60 -14.57 14.67
CA ASN A 616 35.10 -14.87 16.03
C ASN A 616 33.59 -15.13 16.00
N ASP A 617 32.86 -14.43 15.12
CA ASP A 617 31.40 -14.65 14.91
C ASP A 617 31.24 -15.92 14.06
N LYS A 618 30.90 -17.04 14.71
CA LYS A 618 30.83 -18.38 14.08
C LYS A 618 29.65 -18.43 13.09
N GLN A 619 28.63 -17.60 13.31
CA GLN A 619 27.34 -17.62 12.55
C GLN A 619 27.37 -16.58 11.42
N MET A 620 28.31 -15.64 11.43
CA MET A 620 28.28 -14.45 10.53
C MET A 620 29.48 -14.49 9.57
N SER A 621 29.20 -14.37 8.27
CA SER A 621 30.19 -14.16 7.18
C SER A 621 30.02 -12.73 6.66
N TYR A 622 30.43 -12.45 5.42
CA TYR A 622 30.32 -11.11 4.80
C TYR A 622 30.14 -11.25 3.28
N GLY A 623 29.51 -10.23 2.69
CA GLY A 623 29.44 -10.02 1.23
C GLY A 623 29.88 -8.62 0.88
N PHE A 624 29.67 -8.22 -0.37
CA PHE A 624 30.06 -6.90 -0.93
C PHE A 624 28.85 -6.27 -1.62
N LEU A 625 28.70 -4.95 -1.52
CA LEU A 625 27.56 -4.19 -2.09
C LEU A 625 27.76 -4.02 -3.60
N PHE A 626 28.90 -3.48 -4.04
CA PHE A 626 29.30 -3.61 -5.47
C PHE A 626 29.82 -5.03 -5.69
N PRO A 627 29.25 -5.78 -6.66
CA PRO A 627 29.66 -7.16 -6.91
C PRO A 627 31.00 -7.28 -7.65
N PRO A 628 31.99 -8.02 -7.10
CA PRO A 628 33.25 -8.28 -7.82
C PRO A 628 33.03 -8.90 -9.21
N TYR A 629 31.90 -9.60 -9.38
CA TYR A 629 31.51 -10.34 -10.61
C TYR A 629 31.37 -9.38 -11.80
N LEU A 630 31.05 -8.10 -11.56
CA LEU A 630 30.77 -7.11 -12.63
C LEU A 630 31.89 -6.06 -12.72
N SER A 631 33.08 -6.37 -12.20
CA SER A 631 34.30 -5.53 -12.35
C SER A 631 34.59 -5.26 -13.83
N SER A 632 34.96 -4.03 -14.18
CA SER A 632 35.21 -3.56 -15.57
C SER A 632 36.52 -4.15 -16.10
N SER A 633 37.45 -4.49 -15.22
CA SER A 633 38.77 -5.10 -15.56
C SER A 633 39.27 -5.89 -14.35
N PRO A 634 40.28 -6.78 -14.53
CA PRO A 634 40.93 -7.44 -13.40
C PRO A 634 41.43 -6.43 -12.36
N GLU A 635 42.04 -5.33 -12.83
CA GLU A 635 42.60 -4.24 -11.99
C GLU A 635 41.49 -3.65 -11.13
N ALA A 636 40.41 -3.18 -11.74
CA ALA A 636 39.26 -2.52 -11.09
C ALA A 636 38.61 -3.44 -10.05
N LYS A 637 38.71 -4.76 -10.21
CA LYS A 637 38.06 -5.77 -9.34
C LYS A 637 38.58 -5.67 -7.90
N TYR A 638 39.84 -5.22 -7.71
CA TYR A 638 40.47 -5.06 -6.37
C TYR A 638 39.69 -4.05 -5.53
N ASP A 639 39.07 -3.04 -6.15
CA ASP A 639 38.23 -2.01 -5.48
C ASP A 639 37.01 -2.67 -4.81
N ALA A 640 36.49 -3.76 -5.39
CA ALA A 640 35.29 -4.47 -4.90
C ALA A 640 35.59 -5.16 -3.56
N PHE A 641 36.87 -5.46 -3.29
CA PHE A 641 37.32 -6.20 -2.08
C PHE A 641 37.72 -5.23 -0.97
N LEU A 642 37.52 -3.92 -1.16
CA LEU A 642 37.78 -2.89 -0.13
C LEU A 642 36.86 -3.15 1.08
N VAL A 643 37.40 -2.98 2.29
CA VAL A 643 36.69 -3.17 3.60
C VAL A 643 35.51 -2.20 3.69
N THR A 644 35.53 -1.10 2.91
CA THR A 644 34.44 -0.09 2.84
C THR A 644 33.34 -0.52 1.86
N ASN A 645 33.48 -1.69 1.21
CA ASN A 645 32.46 -2.25 0.28
C ASN A 645 31.84 -3.52 0.90
N MET A 646 32.31 -3.96 2.07
CA MET A 646 31.88 -5.25 2.66
C MET A 646 30.75 -4.98 3.67
N VAL A 647 29.88 -5.97 3.87
CA VAL A 647 28.70 -5.88 4.78
C VAL A 647 28.53 -7.25 5.45
N PRO A 648 27.94 -7.31 6.66
CA PRO A 648 27.69 -8.58 7.34
C PRO A 648 26.59 -9.38 6.63
N MET A 649 26.86 -10.66 6.33
CA MET A 649 25.91 -11.57 5.65
C MET A 649 26.01 -12.98 6.25
N TYR A 650 24.87 -13.58 6.60
CA TYR A 650 24.75 -15.01 6.98
C TYR A 650 25.12 -15.86 5.77
N PRO A 651 25.88 -16.96 5.93
CA PRO A 651 26.15 -17.87 4.82
C PRO A 651 24.87 -18.22 4.03
N ALA A 652 23.78 -18.50 4.74
CA ALA A 652 22.44 -18.78 4.16
C ALA A 652 22.05 -17.66 3.19
N PHE A 653 22.25 -16.40 3.57
CA PHE A 653 21.85 -15.20 2.77
C PHE A 653 22.82 -14.97 1.60
N LYS A 654 24.10 -15.32 1.77
CA LYS A 654 25.13 -15.19 0.70
C LYS A 654 24.74 -16.00 -0.54
N ARG A 655 24.04 -17.13 -0.37
CA ARG A 655 23.45 -17.93 -1.49
C ARG A 655 22.51 -17.05 -2.32
N VAL A 656 21.60 -16.33 -1.68
CA VAL A 656 20.64 -15.41 -2.36
C VAL A 656 21.42 -14.28 -3.03
N TRP A 657 22.27 -13.60 -2.26
CA TRP A 657 22.95 -12.34 -2.67
C TRP A 657 23.95 -12.63 -3.80
N ALA A 658 24.72 -13.70 -3.69
CA ALA A 658 25.70 -14.15 -4.71
C ALA A 658 24.98 -14.38 -6.04
N TYR A 659 23.79 -14.98 -6.03
CA TYR A 659 22.99 -15.28 -7.24
C TYR A 659 22.47 -13.98 -7.85
N PHE A 660 21.92 -13.08 -7.02
CA PHE A 660 21.43 -11.74 -7.44
C PHE A 660 22.55 -11.01 -8.19
N GLN A 661 23.72 -10.95 -7.56
CA GLN A 661 24.90 -10.18 -8.06
C GLN A 661 25.51 -10.84 -9.30
N ARG A 662 25.69 -12.16 -9.28
CA ARG A 662 26.40 -12.91 -10.36
C ARG A 662 25.50 -13.11 -11.58
N VAL A 663 24.21 -13.42 -11.37
CA VAL A 663 23.28 -13.84 -12.47
C VAL A 663 22.24 -12.75 -12.76
N LEU A 664 21.49 -12.27 -11.76
CA LEU A 664 20.25 -11.48 -11.99
C LEU A 664 20.56 -10.05 -12.45
N VAL A 665 21.60 -9.42 -11.89
CA VAL A 665 21.97 -8.02 -12.29
C VAL A 665 22.32 -8.02 -13.79
N LYS A 666 23.11 -8.99 -14.26
CA LYS A 666 23.44 -9.13 -15.70
C LYS A 666 22.16 -9.33 -16.49
N LYS A 667 21.26 -10.19 -15.98
CA LYS A 667 19.96 -10.52 -16.61
C LYS A 667 19.15 -9.24 -16.80
N TYR A 668 18.95 -8.47 -15.72
CA TYR A 668 18.17 -7.21 -15.72
C TYR A 668 18.81 -6.22 -16.70
N ALA A 669 20.14 -6.09 -16.67
CA ALA A 669 20.92 -5.23 -17.59
C ALA A 669 20.63 -5.64 -19.04
N SER A 670 20.60 -6.94 -19.34
CA SER A 670 20.38 -7.52 -20.70
C SER A 670 18.94 -7.29 -21.18
N GLU A 671 17.98 -7.25 -20.27
CA GLU A 671 16.53 -7.13 -20.60
C GLU A 671 16.13 -5.65 -20.73
N ARG A 672 16.74 -4.75 -19.96
CA ARG A 672 16.27 -3.35 -19.77
C ARG A 672 17.20 -2.35 -20.47
N ASN A 673 18.11 -2.82 -21.32
CA ASN A 673 19.12 -2.00 -22.05
C ASN A 673 19.95 -1.22 -21.02
N GLY A 674 20.56 -1.94 -20.09
CA GLY A 674 21.36 -1.38 -18.99
C GLY A 674 20.51 -1.10 -17.76
N VAL A 675 21.13 -1.16 -16.58
CA VAL A 675 20.47 -0.87 -15.28
C VAL A 675 21.43 -0.05 -14.42
N ASN A 676 20.89 0.95 -13.72
CA ASN A 676 21.54 1.61 -12.55
C ASN A 676 21.04 0.91 -11.30
N VAL A 677 21.98 0.43 -10.48
CA VAL A 677 21.70 -0.32 -9.22
C VAL A 677 22.18 0.54 -8.05
N ILE A 678 21.31 0.75 -7.06
CA ILE A 678 21.68 1.30 -5.73
C ILE A 678 21.30 0.25 -4.69
N SER A 679 22.31 -0.27 -4.00
CA SER A 679 22.18 -1.33 -2.97
C SER A 679 22.72 -0.80 -1.64
N GLY A 680 22.22 -1.34 -0.53
CA GLY A 680 22.70 -0.96 0.82
C GLY A 680 21.96 -1.71 1.92
N PRO A 681 22.32 -1.44 3.20
CA PRO A 681 21.74 -2.13 4.33
C PRO A 681 20.49 -1.38 4.82
N ILE A 682 19.58 -2.11 5.47
CA ILE A 682 18.45 -1.54 6.26
C ILE A 682 18.53 -2.13 7.67
N PHE A 683 18.26 -1.30 8.67
CA PHE A 683 18.15 -1.69 10.11
C PHE A 683 16.75 -1.31 10.59
N ASP A 684 15.92 -2.32 10.89
CA ASP A 684 14.54 -2.11 11.40
C ASP A 684 14.20 -3.21 12.42
N TYR A 685 14.91 -3.20 13.56
CA TYR A 685 14.82 -4.24 14.62
C TYR A 685 13.49 -4.12 15.37
N ASN A 686 12.87 -2.94 15.38
CA ASN A 686 11.56 -2.67 16.03
C ASN A 686 10.44 -2.69 14.99
N TYR A 687 10.73 -3.12 13.76
CA TYR A 687 9.77 -3.39 12.65
C TYR A 687 8.68 -2.31 12.57
N ASP A 688 9.08 -1.02 12.60
CA ASP A 688 8.12 0.12 12.46
C ASP A 688 8.19 0.68 11.03
N GLY A 689 8.96 0.05 10.15
CA GLY A 689 9.13 0.47 8.75
C GLY A 689 10.01 1.70 8.61
N LEU A 690 10.65 2.15 9.70
CA LEU A 690 11.47 3.38 9.74
C LEU A 690 12.93 3.03 10.07
N ARG A 691 13.87 3.83 9.55
CA ARG A 691 15.32 3.71 9.82
C ARG A 691 15.55 3.63 11.34
N ASP A 692 16.26 2.61 11.81
CA ASP A 692 16.68 2.47 13.23
C ASP A 692 17.73 3.54 13.54
N THR A 693 17.68 4.11 14.75
CA THR A 693 18.81 4.83 15.38
C THR A 693 19.79 3.80 15.93
N GLU A 694 20.97 4.25 16.39
CA GLU A 694 22.04 3.38 16.94
C GLU A 694 21.48 2.57 18.12
N ASP A 695 20.67 3.21 18.98
CA ASP A 695 20.08 2.61 20.20
C ASP A 695 19.19 1.41 19.86
N GLU A 696 18.46 1.49 18.74
CA GLU A 696 17.39 0.52 18.37
C GLU A 696 17.97 -0.73 17.71
N ILE A 697 19.26 -0.71 17.31
CA ILE A 697 19.94 -1.89 16.68
C ILE A 697 20.33 -2.88 17.79
N LYS A 698 19.91 -4.14 17.64
CA LYS A 698 19.91 -5.17 18.73
C LYS A 698 20.95 -6.27 18.46
N GLN A 699 21.54 -6.33 17.26
CA GLN A 699 22.55 -7.35 16.90
C GLN A 699 23.76 -6.69 16.26
N TYR A 700 24.96 -7.09 16.72
CA TYR A 700 26.28 -6.69 16.17
C TYR A 700 27.09 -7.94 15.86
N VAL A 701 28.04 -7.85 14.93
CA VAL A 701 29.04 -8.94 14.69
C VAL A 701 29.79 -9.15 16.00
N GLU A 702 29.91 -10.42 16.42
CA GLU A 702 30.46 -10.87 17.73
C GLU A 702 31.70 -10.03 18.11
N GLY A 703 31.71 -9.50 19.33
CA GLY A 703 32.84 -8.75 19.92
C GLY A 703 33.23 -7.53 19.11
N SER A 704 32.26 -6.84 18.50
CA SER A 704 32.47 -5.64 17.66
C SER A 704 31.25 -4.71 17.74
N SER A 705 31.38 -3.51 17.20
CA SER A 705 30.30 -2.50 17.06
C SER A 705 29.91 -2.37 15.58
N ILE A 706 30.04 -3.45 14.81
CA ILE A 706 29.57 -3.55 13.39
C ILE A 706 28.11 -4.03 13.43
N PRO A 707 27.14 -3.17 13.08
CA PRO A 707 25.73 -3.52 13.20
C PRO A 707 25.32 -4.49 12.09
N VAL A 708 24.43 -5.44 12.41
CA VAL A 708 23.91 -6.47 11.46
C VAL A 708 22.61 -5.94 10.86
N PRO A 709 22.55 -5.68 9.53
CA PRO A 709 21.29 -5.31 8.89
C PRO A 709 20.23 -6.41 9.01
N THR A 710 18.98 -6.01 9.22
CA THR A 710 17.76 -6.87 9.16
C THR A 710 17.41 -7.14 7.70
N HIS A 711 17.77 -6.22 6.79
CA HIS A 711 17.45 -6.32 5.34
C HIS A 711 18.58 -5.73 4.49
N TYR A 712 18.59 -6.10 3.21
CA TYR A 712 19.40 -5.49 2.13
C TYR A 712 18.45 -5.08 1.00
N TYR A 713 18.50 -3.81 0.60
CA TYR A 713 17.68 -3.23 -0.50
C TYR A 713 18.52 -3.14 -1.78
N SER A 714 17.85 -3.16 -2.92
CA SER A 714 18.40 -2.69 -4.22
C SER A 714 17.32 -1.93 -4.99
N ILE A 715 17.68 -0.79 -5.57
CA ILE A 715 16.83 0.02 -6.49
C ILE A 715 17.44 -0.10 -7.89
N ILE A 716 16.70 -0.71 -8.81
CA ILE A 716 17.18 -1.02 -10.18
C ILE A 716 16.41 -0.14 -11.17
N THR A 717 17.10 0.87 -11.72
CA THR A 717 16.52 1.91 -12.59
C THR A 717 17.06 1.77 -14.02
N SER A 718 16.18 1.94 -15.00
CA SER A 718 16.52 1.98 -16.45
C SER A 718 15.60 3.00 -17.12
N CYS A 719 15.76 3.21 -18.43
CA CYS A 719 14.88 4.09 -19.24
C CYS A 719 13.58 3.34 -19.55
N LEU A 720 12.42 3.97 -19.28
CA LEU A 720 11.09 3.40 -19.64
C LEU A 720 11.08 3.16 -21.15
N ASP A 721 11.59 4.11 -21.92
CA ASP A 721 11.96 3.92 -23.36
C ASP A 721 13.23 3.08 -23.41
N PHE A 722 13.05 1.76 -23.45
CA PHE A 722 14.13 0.72 -23.43
C PHE A 722 14.99 0.79 -24.70
N THR A 723 14.58 1.54 -25.73
CA THR A 723 15.39 1.76 -26.96
C THR A 723 16.53 2.74 -26.66
N GLN A 724 16.49 3.40 -25.49
CA GLN A 724 17.57 4.26 -24.96
C GLN A 724 18.26 3.53 -23.81
N PRO A 725 19.61 3.49 -23.77
CA PRO A 725 20.32 2.88 -22.65
C PRO A 725 20.08 3.68 -21.36
N ALA A 726 20.30 3.03 -20.20
CA ALA A 726 20.01 3.56 -18.84
C ALA A 726 20.75 4.90 -18.61
N ASP A 727 21.95 5.06 -19.16
CA ASP A 727 22.84 6.23 -18.90
C ASP A 727 22.60 7.36 -19.92
N LYS A 728 21.75 7.14 -20.93
CA LYS A 728 21.39 8.18 -21.94
C LYS A 728 19.87 8.17 -22.16
N CYS A 729 19.11 8.29 -21.06
CA CYS A 729 17.62 8.31 -21.04
C CYS A 729 17.15 9.77 -21.08
N ASP A 730 16.24 10.10 -21.99
CA ASP A 730 15.72 11.49 -22.21
C ASP A 730 14.46 11.74 -21.37
N GLY A 731 13.66 10.71 -21.09
CA GLY A 731 12.28 10.85 -20.57
C GLY A 731 12.03 10.03 -19.31
N PRO A 732 10.80 9.48 -19.15
CA PRO A 732 10.46 8.69 -17.96
C PRO A 732 11.42 7.53 -17.66
N LEU A 733 11.52 7.19 -16.38
CA LEU A 733 12.37 6.09 -15.84
C LEU A 733 11.49 4.88 -15.52
N SER A 734 12.10 3.70 -15.51
CA SER A 734 11.51 2.40 -15.09
C SER A 734 12.29 1.93 -13.86
N VAL A 735 11.58 1.66 -12.77
CA VAL A 735 12.20 1.19 -11.50
C VAL A 735 11.55 -0.13 -11.07
N SER A 736 12.37 -1.08 -10.63
CA SER A 736 11.96 -2.21 -9.74
C SER A 736 12.92 -2.23 -8.55
N SER A 737 12.39 -2.49 -7.36
CA SER A 737 13.15 -2.49 -6.09
C SER A 737 12.79 -3.73 -5.27
N PHE A 738 13.66 -4.09 -4.33
CA PHE A 738 13.47 -5.20 -3.37
CA PHE A 738 13.39 -5.16 -3.34
C PHE A 738 13.97 -4.76 -1.99
N ILE A 739 13.44 -5.38 -0.94
CA ILE A 739 13.96 -5.31 0.46
C ILE A 739 14.06 -6.76 0.95
N LEU A 740 15.21 -7.39 0.75
CA LEU A 740 15.42 -8.82 1.09
C LEU A 740 15.65 -8.94 2.60
N PRO A 741 14.93 -9.87 3.28
CA PRO A 741 15.18 -10.14 4.70
C PRO A 741 16.53 -10.85 4.83
N HIS A 742 17.38 -10.33 5.72
CA HIS A 742 18.73 -10.87 6.03
C HIS A 742 18.57 -12.00 7.06
N ARG A 743 18.23 -13.20 6.60
CA ARG A 743 17.88 -14.38 7.45
C ARG A 743 19.08 -15.31 7.57
N PRO A 744 19.28 -15.96 8.75
CA PRO A 744 20.37 -16.92 8.93
C PRO A 744 20.06 -18.31 8.36
N ASP A 745 18.86 -18.48 7.79
CA ASP A 745 18.41 -19.72 7.10
C ASP A 745 17.60 -19.30 5.88
N ASN A 746 17.23 -20.27 5.03
CA ASN A 746 16.33 -20.07 3.87
C ASN A 746 15.07 -20.92 4.07
N ASP A 747 14.59 -21.03 5.32
CA ASP A 747 13.38 -21.79 5.69
C ASP A 747 12.16 -21.23 4.94
N GLU A 748 12.14 -19.91 4.70
CA GLU A 748 11.10 -19.21 3.91
C GLU A 748 10.98 -19.83 2.50
N SER A 749 12.10 -20.26 1.92
CA SER A 749 12.18 -20.86 0.56
C SER A 749 12.17 -22.38 0.67
N CYS A 750 11.01 -23.02 0.42
CA CYS A 750 10.80 -24.48 0.59
C CYS A 750 11.56 -25.27 -0.48
N ALA A 751 12.01 -24.64 -1.56
CA ALA A 751 12.74 -25.26 -2.69
C ALA A 751 14.24 -24.89 -2.65
N SER A 752 14.73 -24.36 -1.53
CA SER A 752 16.13 -23.85 -1.39
C SER A 752 17.15 -24.99 -1.47
N SER A 753 16.72 -26.25 -1.34
CA SER A 753 17.55 -27.46 -1.56
C SER A 753 18.03 -27.50 -3.02
N GLU A 754 17.22 -26.99 -3.94
CA GLU A 754 17.46 -27.01 -5.41
C GLU A 754 18.43 -25.89 -5.77
N ASP A 755 18.84 -25.82 -7.05
CA ASP A 755 19.73 -24.76 -7.60
C ASP A 755 19.06 -23.40 -7.38
N GLU A 756 19.86 -22.34 -7.20
CA GLU A 756 19.39 -20.96 -6.94
C GLU A 756 18.44 -20.48 -8.04
N SER A 757 18.58 -21.01 -9.26
CA SER A 757 17.72 -20.69 -10.43
C SER A 757 16.26 -21.08 -10.17
N LYS A 758 16.00 -21.90 -9.16
CA LYS A 758 14.66 -22.52 -8.89
C LYS A 758 13.90 -21.77 -7.79
N TRP A 759 14.54 -20.86 -7.04
CA TRP A 759 13.91 -20.29 -5.81
C TRP A 759 14.33 -18.84 -5.53
N VAL A 760 15.56 -18.42 -5.80
CA VAL A 760 16.08 -17.09 -5.36
C VAL A 760 15.21 -15.97 -5.92
N GLU A 761 14.91 -15.99 -7.22
CA GLU A 761 14.10 -14.92 -7.88
C GLU A 761 12.66 -14.94 -7.33
N GLU A 762 12.13 -16.12 -7.00
CA GLU A 762 10.82 -16.30 -6.32
C GLU A 762 10.83 -15.52 -5.00
N LEU A 763 11.90 -15.70 -4.19
CA LEU A 763 12.07 -15.00 -2.88
C LEU A 763 12.10 -13.49 -3.12
N MET A 764 12.84 -13.04 -4.13
CA MET A 764 13.06 -11.60 -4.41
C MET A 764 11.73 -10.94 -4.84
N LYS A 765 10.95 -11.60 -5.70
CA LYS A 765 9.64 -11.09 -6.18
C LYS A 765 8.67 -10.90 -5.00
N MET A 766 8.69 -11.81 -4.02
CA MET A 766 7.85 -11.76 -2.79
C MET A 766 8.22 -10.51 -1.96
N HIS A 767 9.49 -10.07 -2.02
CA HIS A 767 10.00 -8.92 -1.23
C HIS A 767 10.25 -7.70 -2.12
N THR A 768 9.56 -7.62 -3.26
CA THR A 768 9.47 -6.37 -4.09
C THR A 768 9.05 -5.23 -3.17
N ALA A 769 9.52 -4.01 -3.46
CA ALA A 769 9.33 -2.82 -2.60
C ALA A 769 9.16 -1.57 -3.47
N ARG A 770 8.50 -0.55 -2.92
CA ARG A 770 8.48 0.82 -3.50
C ARG A 770 9.80 1.51 -3.10
N VAL A 771 10.28 2.45 -3.91
CA VAL A 771 11.46 3.28 -3.54
C VAL A 771 11.15 3.99 -2.21
N ARG A 772 9.90 4.49 -2.03
CA ARG A 772 9.43 5.15 -0.78
C ARG A 772 9.66 4.24 0.43
N ASP A 773 9.35 2.94 0.31
CA ASP A 773 9.51 1.94 1.40
C ASP A 773 10.97 1.99 1.90
N ILE A 774 11.91 2.01 0.97
CA ILE A 774 13.38 2.04 1.25
C ILE A 774 13.75 3.41 1.86
N GLU A 775 13.23 4.51 1.32
CA GLU A 775 13.50 5.89 1.83
C GLU A 775 13.14 5.96 3.32
N HIS A 776 11.97 5.46 3.70
CA HIS A 776 11.50 5.38 5.12
C HIS A 776 12.50 4.56 5.94
N LEU A 777 12.91 3.41 5.41
CA LEU A 777 13.76 2.43 6.16
C LEU A 777 15.23 2.87 6.18
N THR A 778 15.65 3.84 5.35
CA THR A 778 17.08 4.25 5.20
C THR A 778 17.32 5.71 5.59
N GLY A 779 16.30 6.57 5.60
CA GLY A 779 16.45 8.02 5.79
C GLY A 779 17.19 8.67 4.62
N LEU A 780 17.10 8.07 3.43
CA LEU A 780 17.68 8.57 2.16
C LEU A 780 16.57 9.09 1.26
N ASP A 781 16.90 10.08 0.42
CA ASP A 781 16.01 10.62 -0.63
C ASP A 781 16.68 10.44 -1.99
N PHE A 782 16.06 9.68 -2.90
CA PHE A 782 16.63 9.31 -4.22
C PHE A 782 16.05 10.20 -5.33
N TYR A 783 16.67 10.18 -6.51
CA TYR A 783 16.21 10.82 -7.77
C TYR A 783 16.11 12.35 -7.61
N ARG A 784 17.14 12.99 -7.05
CA ARG A 784 17.13 14.44 -6.74
C ARG A 784 17.62 15.25 -7.95
N LYS A 785 18.43 14.65 -8.82
CA LYS A 785 18.93 15.28 -10.08
C LYS A 785 18.40 14.48 -11.28
N THR A 786 17.26 14.87 -11.83
CA THR A 786 16.65 14.27 -13.06
C THR A 786 16.09 15.40 -13.93
N SER A 787 15.67 15.06 -15.14
CA SER A 787 14.98 15.97 -16.09
C SER A 787 13.47 15.96 -15.85
N ARG A 788 13.01 15.22 -14.83
CA ARG A 788 11.58 14.95 -14.54
C ARG A 788 11.08 15.95 -13.49
N SER A 789 9.81 16.37 -13.59
CA SER A 789 9.12 17.19 -12.54
C SER A 789 9.14 16.39 -11.23
N TYR A 790 9.08 17.08 -10.08
CA TYR A 790 9.16 16.43 -8.75
C TYR A 790 7.91 15.55 -8.52
N SER A 791 6.74 15.99 -8.98
CA SER A 791 5.47 15.22 -8.84
C SER A 791 5.57 13.91 -9.63
N GLU A 792 6.22 13.92 -10.80
CA GLU A 792 6.51 12.70 -11.61
C GLU A 792 7.40 11.74 -10.81
N ILE A 793 8.48 12.26 -10.23
CA ILE A 793 9.45 11.50 -9.40
C ILE A 793 8.73 10.85 -8.20
N LEU A 794 7.78 11.56 -7.58
CA LEU A 794 7.01 11.04 -6.41
C LEU A 794 6.20 9.81 -6.84
N THR A 795 5.55 9.87 -8.01
CA THR A 795 4.81 8.72 -8.60
C THR A 795 5.78 7.55 -8.80
N LEU A 796 6.95 7.81 -9.38
CA LEU A 796 8.03 6.80 -9.60
C LEU A 796 8.39 6.12 -8.27
N LYS A 797 8.48 6.88 -7.17
CA LYS A 797 8.92 6.36 -5.85
C LYS A 797 7.81 5.52 -5.20
N THR A 798 6.55 5.71 -5.59
CA THR A 798 5.39 4.98 -5.02
C THR A 798 5.05 3.74 -5.86
N TYR A 799 5.64 3.62 -7.06
CA TYR A 799 5.45 2.44 -7.95
C TYR A 799 5.93 1.17 -7.24
N LEU A 800 5.18 0.08 -7.41
CA LEU A 800 5.57 -1.29 -6.98
C LEU A 800 5.49 -2.23 -8.18
N HIS A 801 6.59 -2.94 -8.47
CA HIS A 801 6.64 -4.03 -9.48
C HIS A 801 6.08 -5.30 -8.84
N THR A 802 4.88 -5.73 -9.23
CA THR A 802 4.09 -6.79 -8.54
C THR A 802 4.44 -8.17 -9.10
N TYR A 803 4.88 -8.27 -10.36
CA TYR A 803 5.15 -9.54 -11.07
C TYR A 803 3.87 -10.37 -11.16
N GLU A 804 2.72 -9.70 -11.31
CA GLU A 804 1.38 -10.34 -11.44
C GLU A 804 0.84 -10.09 -12.85
N SER A 805 0.38 -11.15 -13.52
C1 NAG B . 3.76 7.54 13.28
C2 NAG B . 3.04 8.04 14.56
C3 NAG B . 3.75 9.11 15.40
C4 NAG B . 5.26 9.13 15.25
C5 NAG B . 5.67 9.00 13.79
C6 NAG B . 7.18 8.99 13.67
C7 NAG B . 0.67 7.71 13.92
C8 NAG B . -0.59 8.38 13.48
N2 NAG B . 1.71 8.53 14.19
O3 NAG B . 3.47 8.88 16.79
O4 NAG B . 5.74 10.37 15.79
O5 NAG B . 5.18 7.77 13.27
O6 NAG B . 7.68 7.78 14.25
O7 NAG B . 0.76 6.49 13.99
H1 NAG B . 3.66 6.56 13.30
H2 NAG B . 2.92 7.24 15.14
H3 NAG B . 3.40 9.99 15.15
H4 NAG B . 5.63 8.37 15.76
H5 NAG B . 5.30 9.76 13.29
H61 NAG B . 7.57 9.78 14.12
H62 NAG B . 7.44 9.03 12.71
H81 NAG B . -0.52 8.64 12.53
H82 NAG B . -1.35 7.75 13.59
H83 NAG B . -0.75 9.18 14.03
HN2 NAG B . 1.59 9.42 14.13
HO3 NAG B . 3.78 9.57 17.20
HO4 NAG B . 5.34 11.00 15.40
HO6 NAG B . 8.54 7.55 14.39
C1 BMA B . 6.66 10.40 16.75
C2 BMA B . 7.92 10.96 17.39
C3 BMA B . 8.16 10.36 18.76
C4 BMA B . 6.92 10.42 19.64
C5 BMA B . 5.63 10.05 18.89
C6 BMA B . 4.40 10.43 19.72
O2 BMA B . 7.77 12.38 17.48
O3 BMA B . 9.22 11.07 19.43
O4 BMA B . 7.10 9.53 20.75
O5 BMA B . 5.56 10.69 17.62
O6 BMA B . 4.10 9.43 20.69
H1 BMA B . 6.55 10.91 15.90
H2 BMA B . 8.69 10.74 16.80
H3 BMA B . 8.42 9.41 18.65
H4 BMA B . 6.82 11.34 19.98
H5 BMA B . 5.63 9.07 18.77
H61 BMA B . 3.62 10.56 19.11
H62 BMA B . 4.57 11.30 20.18
HO2 BMA B . 7.41 12.52 16.48
HO3 BMA B . 9.61 11.60 18.83
HO4 BMA B . 8.04 9.24 20.95
HO6 BMA B . 4.96 8.51 20.82
C1 NAG C . 2.63 5.99 8.56
C2 NAG C . 4.08 5.81 8.97
C3 NAG C . 4.19 5.96 10.48
C4 NAG C . 3.53 7.24 10.99
C5 NAG C . 2.16 7.50 10.39
C6 NAG C . 1.69 8.92 10.67
C7 NAG C . 5.52 4.36 7.61
C8 NAG C . 6.01 2.95 7.40
N2 NAG C . 4.58 4.50 8.55
O3 NAG C . 5.57 5.96 10.88
O4 NAG C . 3.40 7.16 12.41
O5 NAG C . 2.20 7.29 8.98
O6 NAG C . 2.56 9.89 10.07
O7 NAG C . 6.00 5.29 6.97
H1 NAG C . 2.10 5.30 9.04
H2 NAG C . 4.62 6.52 8.55
H3 NAG C . 3.74 5.19 10.90
H4 NAG C . 4.13 8.00 10.77
H5 NAG C . 1.51 6.86 10.79
H61 NAG C . 1.67 9.07 11.65
H62 NAG C . 0.77 9.05 10.33
H81 NAG C . 5.26 2.39 7.10
H82 NAG C . 6.71 2.95 6.69
H83 NAG C . 6.39 2.60 8.24
HN2 NAG C . 4.28 3.78 8.98
HO3 NAG C . 5.62 5.98 11.71
HO4 NAG C . 2.75 6.66 12.58
HO6 NAG C . 2.24 10.64 10.25
ZN ZN D . -16.32 -9.84 1.88
ZN ZN E . -15.76 -7.54 2.30
C18 5JK F . -17.24 4.06 15.88
C13 5JK F . -17.30 4.69 14.48
C12 5JK F . -15.95 4.51 13.75
C11 5JK F . -14.84 5.27 14.47
C9 5JK F . -15.12 6.77 14.66
C10 5JK F . -14.02 7.52 15.48
C19 5JK F . -13.84 6.92 16.88
C1 5JK F . -12.70 7.42 14.70
C2 5JK F . -11.62 8.40 15.17
C3 5JK F . -12.13 9.80 15.01
O1 5JK F . -11.12 10.75 15.36
C4 5JK F . -13.34 10.01 15.88
C5 5JK F . -14.44 8.98 15.65
C6 5JK F . -15.72 9.36 15.68
C7 5JK F . -16.87 8.53 15.22
O2 5JK F . -17.23 9.02 13.92
C8 5JK F . -16.53 7.03 15.22
C14 5JK F . -17.58 6.19 14.49
C15 5JK F . -19.04 6.31 14.92
C16 5JK F . -19.70 5.07 14.28
C17 5JK F . -18.57 4.18 13.71
C20 5JK F . -18.93 2.68 13.74
C21 5JK F . -17.74 1.76 13.46
C22 5JK F . -20.07 2.43 12.74
C23 5JK F . -20.47 1.00 12.55
C24 5JK F . -21.73 0.86 11.74
C25 5JK F . -22.01 -0.53 11.18
C27 5JK F . -23.26 -0.51 10.30
C26 5JK F . -20.81 -1.08 10.42
H1 5JK F . -18.15 3.94 16.23
H2 5JK F . -16.75 4.65 16.48
H3 5JK F . -16.80 3.20 15.84
H4 5JK F . -15.72 3.56 13.72
H5 5JK F . -16.04 4.84 12.83
H6 5JK F . -14.01 5.18 13.96
H7 5JK F . -14.70 4.87 15.35
H8 5JK F . -15.11 7.16 13.75
H9 5JK F . -13.53 6.00 16.80
H10 5JK F . -14.68 6.93 17.36
H11 5JK F . -13.18 7.44 17.38
H12 5JK F . -12.35 6.52 14.77
H13 5JK F . -12.87 7.59 13.74
H14 5JK F . -10.80 8.28 14.63
H15 5JK F . -11.41 8.23 16.11
H16 5JK F . -12.39 9.95 14.06
H17 5JK F . -10.48 10.58 14.83
H18 5JK F . -13.71 10.90 15.72
H19 5JK F . -13.06 9.97 16.83
H21 5JK F . -15.92 10.22 16.01
H23 5JK F . -17.63 8.69 15.84
H24 5JK F . -16.87 8.53 13.30
H25 5JK F . -16.54 6.74 16.17
H26 5JK F . -17.55 6.48 13.56
H27 5JK F . -19.44 7.12 14.58
H28 5JK F . -19.12 6.29 15.89
H29 5JK F . -20.31 5.33 13.56
H30 5JK F . -20.22 4.57 14.96
H31 5JK F . -18.44 4.43 12.77
H32 5JK F . -19.28 2.47 14.64
H33 5JK F . -17.28 2.05 12.65
H34 5JK F . -18.05 0.85 13.35
H35 5JK F . -17.12 1.80 14.21
H36 5JK F . -19.79 2.78 11.87
H37 5JK F . -20.85 2.93 13.04
H38 5JK F . -20.61 0.58 13.43
H39 5JK F . -19.74 0.52 12.10
H40 5JK F . -21.69 1.49 10.99
H41 5JK F . -22.48 1.13 12.30
H42 5JK F . -22.19 -1.13 11.94
H43 5JK F . -23.09 -1.02 9.49
H44 5JK F . -23.47 0.40 10.06
H45 5JK F . -24.00 -0.91 10.78
H46 5JK F . -21.08 -1.86 9.91
H47 5JK F . -20.11 -1.33 11.05
H48 5JK F . -20.46 -0.40 9.82
CA CA G . 12.85 0.96 12.86
I IOD H . -9.31 -10.69 9.78
I IOD I . -9.63 -12.32 17.51
I IOD J . -13.13 26.31 -6.05
I IOD K . -13.94 3.46 24.58
I IOD L . 44.59 -4.95 7.67
I IOD M . 9.52 9.32 -14.10
I IOD N . 23.92 1.78 -19.71
S SCN O . 33.33 -14.29 0.79
C SCN O . 33.59 -14.17 -0.75
N SCN O . 33.81 -14.00 -1.89
S SCN P . -19.07 9.36 9.74
C SCN P . -19.57 8.82 11.13
N SCN P . -19.89 8.39 12.18
S SCN Q . -7.89 17.37 -18.25
C SCN Q . -6.86 18.47 -17.79
N SCN Q . -6.07 19.25 -17.41
S SCN R . -5.91 2.64 18.27
C SCN R . -5.77 2.57 19.85
N SCN R . -5.65 2.53 21.02
S SCN S . -1.20 2.21 -17.02
C SCN S . -1.32 3.74 -17.42
N SCN S . -1.36 4.88 -17.75
NA NA T . 32.39 -16.36 10.57
NA NA U . 14.62 -23.97 2.67
C1 GOL V . 10.16 20.97 -7.14
O1 GOL V . 9.01 21.17 -6.31
C2 GOL V . 11.32 20.39 -6.37
O2 GOL V . 11.55 21.15 -5.19
C3 GOL V . 12.60 20.32 -7.18
O3 GOL V . 12.55 19.29 -8.17
H11 GOL V . 10.42 21.83 -7.54
H12 GOL V . 9.91 20.35 -7.87
HO1 GOL V . 8.56 21.54 -6.46
H2 GOL V . 11.08 19.47 -6.10
HO2 GOL V . 12.45 21.25 -5.11
H31 GOL V . 13.37 20.16 -6.58
H32 GOL V . 12.73 21.19 -7.64
HO3 GOL V . 12.06 19.56 -8.81
C1 GOL W . 35.23 -15.71 5.19
O1 GOL W . 34.82 -15.85 3.84
C2 GOL W . 34.08 -15.26 6.08
O2 GOL W . 33.24 -16.37 6.37
C3 GOL W . 34.55 -14.60 7.37
O3 GOL W . 34.39 -15.47 8.49
H11 GOL W . 35.96 -15.04 5.24
H12 GOL W . 35.58 -16.57 5.52
HO1 GOL W . 35.15 -15.72 3.25
H2 GOL W . 33.56 -14.59 5.58
HO2 GOL W . 33.16 -16.58 7.36
H31 GOL W . 34.01 -13.78 7.52
H32 GOL W . 35.49 -14.34 7.28
HO3 GOL W . 35.09 -15.95 8.55
C1 GOL X . 4.00 12.89 12.13
O1 GOL X . 4.48 11.82 11.31
C2 GOL X . 3.31 12.36 13.38
O2 GOL X . 3.34 13.36 14.40
C3 GOL X . 1.89 11.92 13.14
O3 GOL X . 1.35 11.19 14.24
H11 GOL X . 3.35 13.43 11.62
H12 GOL X . 4.75 13.46 12.39
HO1 GOL X . 4.97 11.54 10.73
H2 GOL X . 3.82 11.58 13.70
HO2 GOL X . 2.76 13.46 14.51
H31 GOL X . 1.86 11.35 12.33
H32 GOL X . 1.33 12.71 12.98
HO3 GOL X . 1.30 11.71 14.90
C1 GOL Y . -34.94 15.68 -4.34
O1 GOL Y . -35.76 16.48 -5.18
C2 GOL Y . -34.16 14.65 -5.13
O2 GOL Y . -33.87 13.54 -4.29
C3 GOL Y . -32.88 15.20 -5.73
O3 GOL Y . -32.74 14.83 -7.10
H11 GOL Y . -35.50 15.21 -3.69
H12 GOL Y . -34.30 16.26 -3.85
HO1 GOL Y . -35.99 17.16 -4.74
H2 GOL Y . -34.74 14.33 -5.87
HO2 GOL Y . -33.09 13.33 -4.32
H31 GOL Y . -32.11 14.85 -5.23
H32 GOL Y . -32.88 16.18 -5.66
HO3 GOL Y . -32.78 13.99 -7.15
C1 GOL Z . -2.20 -2.07 -16.37
O1 GOL Z . -1.13 -1.49 -15.63
C2 GOL Z . -2.38 -3.54 -16.05
O2 GOL Z . -2.39 -3.74 -14.64
C3 GOL Z . -3.66 -4.12 -16.62
O3 GOL Z . -4.78 -3.87 -15.77
H11 GOL Z . -2.02 -1.98 -17.33
H12 GOL Z . -3.03 -1.58 -16.17
HO1 GOL Z . -1.11 -0.65 -15.73
H2 GOL Z . -1.63 -4.04 -16.42
HO2 GOL Z . -3.25 -4.09 -14.38
H31 GOL Z . -3.55 -5.09 -16.73
H32 GOL Z . -3.82 -3.72 -17.50
HO3 GOL Z . -4.69 -3.11 -15.42
C1 GOL AA . 17.37 -5.61 -25.89
O1 GOL AA . 17.93 -4.60 -26.74
C2 GOL AA . 16.93 -5.04 -24.56
O2 GOL AA . 18.04 -4.89 -23.70
C3 GOL AA . 16.18 -3.73 -24.69
O3 GOL AA . 15.14 -3.80 -25.65
H11 GOL AA . 18.05 -6.31 -25.74
H12 GOL AA . 16.61 -6.03 -26.35
HO1 GOL AA . 18.16 -4.90 -27.37
H2 GOL AA . 16.31 -5.71 -24.15
HO2 GOL AA . 18.12 -4.20 -23.21
H31 GOL AA . 16.82 -3.03 -24.96
H32 GOL AA . 15.80 -3.49 -23.81
HO3 GOL AA . 14.82 -4.59 -25.67
C1 GOL BA . -13.13 -20.82 9.07
O1 GOL BA . -12.46 -21.62 10.04
C2 GOL BA . -12.16 -20.25 8.04
O2 GOL BA . -11.35 -21.30 7.51
C3 GOL BA . -12.87 -19.53 6.90
O3 GOL BA . -13.05 -18.15 7.19
H11 GOL BA . -13.60 -20.07 9.52
H12 GOL BA . -13.81 -21.38 8.60
HO1 GOL BA . -13.01 -21.79 10.50
H2 GOL BA . -11.58 -19.60 8.50
HO2 GOL BA . -11.27 -21.19 6.50
H31 GOL BA . -13.74 -19.95 6.74
H32 GOL BA . -12.33 -19.62 6.08
HO3 GOL BA . -13.58 -18.08 7.84
S SCN CA . -0.64 -16.28 -3.26
C SCN CA . 0.13 -15.77 -1.97
N SCN CA . 0.73 -15.39 -1.04
C6 IA0 DA . -17.76 4.41 3.86
C5 IA0 DA . -16.09 5.53 2.34
C4 IA0 DA . -16.46 4.85 3.65
C2 IA0 DA . -15.85 4.08 5.86
C3 IA0 DA . -15.52 4.68 4.65
C1 IA0 DA . -14.83 3.89 6.95
O1 IA0 DA . -20.24 -7.92 8.45
C7 IA0 DA . -18.12 3.80 5.05
N1 IA0 DA . -19.45 3.36 5.22
C8 IA0 DA . -19.92 2.16 5.66
N2 IA0 DA . -21.25 2.03 5.87
C9 IA0 DA . -21.71 0.85 6.29
C10 IA0 DA . -20.81 -0.20 6.52
C11 IA0 DA . -19.50 0.01 6.30
N3 IA0 DA . -19.02 1.18 5.87
C12 IA0 DA . -18.70 -1.23 6.59
N4 IA0 DA . -19.68 -2.08 7.29
C13 IA0 DA . -19.43 -3.51 7.43
C14 IA0 DA . -20.56 -4.10 8.28
C15 IA0 DA . -20.11 -5.29 9.10
N5 IA0 DA . -19.05 -6.02 8.40
C16 IA0 DA . -19.32 -7.26 7.97
C17 IA0 DA . -18.54 -7.87 6.83
C18 IA0 DA . -17.67 -8.91 7.13
C19 IA0 DA . -16.96 -9.52 6.10
N6 IA0 DA . -16.02 -10.52 6.08
N7 IA0 DA . -15.66 -10.73 4.85
N8 IA0 DA . -16.33 -9.89 4.06
C20 IA0 DA . -17.16 -9.09 4.79
C21 IA0 DA . -18.05 -8.09 4.49
C22 IA0 DA . -18.76 -7.49 5.52
F1 IA0 DA . -19.62 -6.50 5.22
C23 IA0 DA . -17.78 -5.25 8.42
C24 IA0 DA . -16.62 -5.93 7.70
C25 IA0 DA . -18.02 -3.81 7.93
C26 IA0 DA . -21.05 -1.60 6.99
C27 IA0 DA . -17.16 3.63 6.04
H8 IA0 DA . -18.40 4.52 3.18
H6 IA0 DA . -15.38 5.03 1.91
H5 IA0 DA . -16.87 5.54 1.76
H7 IA0 DA . -15.79 6.44 2.51
H4 IA0 DA . -14.64 4.99 4.52
H3 IA0 DA . -13.97 3.66 6.56
H1 IA0 DA . -15.11 3.18 7.55
H2 IA0 DA . -14.73 4.72 7.45
H9 IA0 DA . -20.07 3.94 5.02
H10 IA0 DA . -22.64 0.74 6.44
H11 IA0 DA . -17.93 -1.02 7.16
H12 IA0 DA . -18.38 -1.65 5.76
H13 IA0 DA . -19.51 -3.91 6.53
H15 IA0 DA . -21.29 -4.38 7.69
H14 IA0 DA . -20.90 -3.42 8.88
H17 IA0 DA . -19.78 -4.98 9.97
H16 IA0 DA . -20.88 -5.90 9.26
H18 IA0 DA . -17.54 -9.18 8.03
H19 IA0 DA . -16.22 -9.86 3.20
H20 IA0 DA . -18.17 -7.80 3.60
H21 IA0 DA . -17.51 -5.18 9.37
H22 IA0 DA . -16.83 -6.02 6.76
H23 IA0 DA . -16.47 -6.80 8.09
H24 IA0 DA . -15.83 -5.39 7.81
H26 IA0 DA . -17.38 -3.62 7.22
H25 IA0 DA . -17.81 -3.20 8.67
H28 IA0 DA . -21.61 -1.62 7.79
H27 IA0 DA . -21.47 -2.15 6.29
H29 IA0 DA . -17.39 3.22 6.85
C1 GOL EA . -16.31 -18.30 4.61
O1 GOL EA . -16.08 -19.03 5.81
C2 GOL EA . -16.46 -16.82 4.88
O2 GOL EA . -15.18 -16.26 5.20
C3 GOL EA . -17.08 -16.06 3.72
O3 GOL EA . -16.59 -16.52 2.47
H11 GOL EA . -17.12 -18.63 4.16
H12 GOL EA . -15.54 -18.44 3.99
HO1 GOL EA . -16.06 -19.96 5.52
H2 GOL EA . -17.05 -16.72 5.67
HO2 GOL EA . -14.92 -15.84 4.42
H31 GOL EA . -16.88 -15.09 3.82
H32 GOL EA . -18.06 -16.17 3.75
HO3 GOL EA . -15.76 -16.35 2.43
I IOD FA . 27.53 13.60 12.95
I IOD GA . 3.70 -28.40 17.77
C1 GOL HA . 21.82 3.56 8.95
O1 GOL HA . 21.06 4.43 9.79
C2 GOL HA . 21.24 3.44 7.56
O2 GOL HA . 20.49 2.23 7.45
C3 GOL HA . 20.35 4.61 7.17
O3 GOL HA . 20.93 5.37 6.11
H11 GOL HA . 21.87 2.66 9.36
H12 GOL HA . 22.75 3.91 8.88
HO1 GOL HA . 21.41 4.60 10.59
H2 GOL HA . 21.98 3.38 6.92
HO2 GOL HA . 19.98 2.31 7.08
H31 GOL HA . 20.22 5.19 7.95
H32 GOL HA . 19.48 4.26 6.88
HO3 GOL HA . 20.85 4.92 5.39
I IOD IA . 21.05 -22.70 2.82
I IOD JA . -31.98 25.63 -14.21
I IOD KA . -25.99 -0.60 -4.61
I IOD LA . -21.50 32.19 -14.63
I IOD MA . -45.19 23.72 -0.70
I IOD NA . 29.12 -10.72 -3.13
I IOD OA . 21.72 7.54 14.22
I IOD PA . 42.11 3.13 -1.87
#